data_6MNF
#
_entry.id   6MNF
#
_cell.length_a   45.210
_cell.length_b   165.712
_cell.length_c   169.574
_cell.angle_alpha   90.00
_cell.angle_beta   90.00
_cell.angle_gamma   90.00
#
_symmetry.space_group_name_H-M   'P 21 21 21'
#
loop_
_entity.id
_entity.type
_entity.pdbx_description
1 polymer 'Fab 2G12, light chain'
2 polymer 'Fab 2g12, heavy chain'
3 branched alpha-D-mannopyranose-(1-2)-alpha-D-mannopyranose-(1-2)-alpha-D-mannopyranose-(1-3)-[alpha-D-mannopyranose-(1-2)-alpha-D-mannopyranose-(1-6)-[alpha-D-mannopyranose-(1-3)]alpha-D-mannopyranose-(1-6)]beta-D-mannopyranose
4 water water
#
loop_
_entity_poly.entity_id
_entity_poly.type
_entity_poly.pdbx_seq_one_letter_code
_entity_poly.pdbx_strand_id
1 'polypeptide(L)'
;DVVMTQSPSTLSASVGDTITITCRASQSIETWLAWYQQKPGKAPKLLIYKASTLKTGVPSRFSGSGSGTEFTLTISGLQF
DDFATYHCQHYAGYSATFGQGTRVEIKRTVAAPSVFIFPPSDEQLKSGTASVVCLLNNFYPREAKVQWKVDNALQSGNSQ
ESVTEQDSKDSTYSLSSTLTLSKADYEKHKVYACEVTHQGLSSPVTKSFNRGE
;
L,K
2 'polypeptide(L)'
;EVQLVESGGGLVKAGGSLILSCGVSNFRISAHTMNWVRRVPGGGLEWVASISTSSTYRDYADAVKGRFTVSRDDLEDFVY
LQMHKMRVEDTAIYYCARKGSDRLSDNDPFDAWGPGTVVTVSPASTKGPSVFPLAPSSKSTSGGTAALGCLVKDYFPEPV
TVSWNSGALTSGVHTFPAVLQSSGLYSLSSVVTVPSSSLGTQTYICNVNHKPSNTKVDKKVEPK
;
H,M
#
loop_
_chem_comp.id
_chem_comp.type
_chem_comp.name
_chem_comp.formula
BMA D-saccharide, beta linking beta-D-mannopyranose 'C6 H12 O6'
MAN D-saccharide, alpha linking alpha-D-mannopyranose 'C6 H12 O6'
#
# COMPACT_ATOMS: atom_id res chain seq x y z
N ASP A 1 -7.84 29.21 -18.72
CA ASP A 1 -8.52 27.96 -18.40
C ASP A 1 -9.38 27.49 -19.57
N VAL A 2 -8.72 27.05 -20.65
CA VAL A 2 -9.38 26.79 -21.92
C VAL A 2 -9.97 25.38 -21.89
N VAL A 3 -11.23 25.26 -22.32
CA VAL A 3 -11.90 23.97 -22.43
C VAL A 3 -11.70 23.41 -23.84
N MET A 4 -11.20 22.19 -23.93
CA MET A 4 -10.94 21.53 -25.21
C MET A 4 -11.95 20.40 -25.40
N THR A 5 -12.64 20.41 -26.53
CA THR A 5 -13.70 19.45 -26.82
C THR A 5 -13.39 18.67 -28.09
N GLN A 6 -13.17 17.37 -27.95
CA GLN A 6 -12.94 16.52 -29.11
C GLN A 6 -14.25 15.99 -29.66
N SER A 7 -14.21 15.55 -30.90
CA SER A 7 -15.36 15.01 -31.61
C SER A 7 -14.88 14.14 -32.76
N PRO A 8 -15.39 12.91 -32.90
CA PRO A 8 -16.33 12.30 -31.96
C PRO A 8 -15.61 11.63 -30.80
N SER A 9 -16.36 11.08 -29.84
CA SER A 9 -15.70 10.36 -28.75
C SER A 9 -15.24 8.98 -29.19
N THR A 10 -16.04 8.31 -30.01
CA THR A 10 -15.65 7.04 -30.64
C THR A 10 -15.86 7.16 -32.13
N LEU A 11 -14.86 6.78 -32.92
CA LEU A 11 -14.93 6.90 -34.37
C LEU A 11 -14.71 5.52 -34.98
N SER A 12 -15.75 4.97 -35.61
CA SER A 12 -15.73 3.63 -36.19
C SER A 12 -15.42 3.71 -37.68
N ALA A 13 -14.41 2.95 -38.12
CA ALA A 13 -13.91 3.05 -39.48
C ALA A 13 -13.33 1.71 -39.90
N SER A 14 -12.99 1.61 -41.18
CA SER A 14 -12.39 0.41 -41.77
C SER A 14 -10.99 0.73 -42.24
N VAL A 15 -10.18 -0.32 -42.37
CA VAL A 15 -8.83 -0.17 -42.91
C VAL A 15 -8.87 0.49 -44.28
N GLY A 16 -8.01 1.49 -44.47
CA GLY A 16 -7.92 2.23 -45.71
C GLY A 16 -8.72 3.52 -45.75
N ASP A 17 -9.65 3.71 -44.83
CA ASP A 17 -10.42 4.93 -44.74
C ASP A 17 -9.56 6.16 -44.49
N THR A 18 -10.16 7.31 -44.79
CA THR A 18 -9.65 8.63 -44.42
C THR A 18 -10.64 9.23 -43.42
N ILE A 19 -10.14 9.54 -42.22
CA ILE A 19 -11.00 9.97 -41.12
C ILE A 19 -10.49 11.29 -40.58
N THR A 20 -11.38 12.01 -39.89
CA THR A 20 -11.09 13.34 -39.38
C THR A 20 -11.60 13.48 -37.97
N ILE A 21 -10.70 13.70 -37.03
CA ILE A 21 -11.02 13.99 -35.65
C ILE A 21 -11.00 15.50 -35.50
N THR A 22 -12.03 16.07 -34.87
CA THR A 22 -12.10 17.50 -34.65
C THR A 22 -11.80 17.82 -33.19
N CYS A 23 -11.11 18.95 -32.97
CA CYS A 23 -10.86 19.48 -31.64
C CYS A 23 -11.28 20.95 -31.67
N ARG A 24 -12.18 21.34 -30.77
CA ARG A 24 -12.62 22.72 -30.65
C ARG A 24 -12.18 23.30 -29.32
N ALA A 25 -11.62 24.50 -29.36
CA ALA A 25 -11.24 25.23 -28.15
C ALA A 25 -12.27 26.28 -27.79
N SER A 26 -12.51 26.45 -26.48
CA SER A 26 -13.51 27.38 -26.01
C SER A 26 -13.12 28.84 -26.21
N GLN A 27 -11.85 29.11 -26.50
CA GLN A 27 -11.40 30.44 -26.91
C GLN A 27 -10.14 30.27 -27.74
N SER A 28 -9.79 31.33 -28.48
CA SER A 28 -8.68 31.25 -29.42
C SER A 28 -7.37 30.89 -28.73
N ILE A 29 -6.67 29.91 -29.28
CA ILE A 29 -5.37 29.47 -28.80
C ILE A 29 -4.39 29.50 -29.97
N GLU A 30 -4.64 30.37 -30.93
CA GLU A 30 -3.81 30.49 -32.13
C GLU A 30 -3.54 29.12 -32.73
N THR A 31 -2.28 28.69 -32.80
CA THR A 31 -1.97 27.34 -33.25
C THR A 31 -1.24 26.51 -32.18
N TRP A 32 -1.48 26.81 -30.90
CA TRP A 32 -0.78 26.11 -29.81
C TRP A 32 -1.49 24.79 -29.49
N LEU A 33 -1.41 23.87 -30.44
CA LEU A 33 -2.18 22.64 -30.38
C LEU A 33 -1.34 21.45 -30.82
N ALA A 34 -1.40 20.35 -30.05
CA ALA A 34 -0.65 19.15 -30.38
C ALA A 34 -1.60 17.96 -30.40
N TRP A 35 -1.25 16.92 -31.17
CA TRP A 35 -2.04 15.70 -31.24
C TRP A 35 -1.16 14.52 -30.82
N TYR A 36 -1.75 13.63 -30.02
CA TYR A 36 -1.03 12.48 -29.48
C TYR A 36 -1.78 11.18 -29.78
N GLN A 37 -1.03 10.13 -30.06
CA GLN A 37 -1.58 8.78 -30.18
C GLN A 37 -1.26 8.00 -28.92
N GLN A 38 -2.20 7.17 -28.48
CA GLN A 38 -1.97 6.33 -27.31
C GLN A 38 -2.64 4.97 -27.46
N LYS A 39 -1.89 3.94 -27.23
CA LYS A 39 -2.44 2.60 -27.27
C LYS A 39 -2.62 2.09 -25.84
N PRO A 40 -3.57 1.18 -25.61
CA PRO A 40 -3.82 0.70 -24.24
C PRO A 40 -2.55 0.27 -23.55
N GLY A 41 -2.35 0.76 -22.33
CA GLY A 41 -1.22 0.32 -21.54
C GLY A 41 0.10 0.95 -21.93
N LYS A 42 0.13 1.82 -22.94
CA LYS A 42 1.36 2.37 -23.45
C LYS A 42 1.38 3.88 -23.26
N ALA A 43 2.55 4.47 -23.50
CA ALA A 43 2.71 5.90 -23.33
C ALA A 43 2.15 6.66 -24.53
N PRO A 44 1.62 7.86 -24.31
CA PRO A 44 1.24 8.70 -25.45
C PRO A 44 2.44 8.98 -26.34
N LYS A 45 2.18 9.04 -27.65
CA LYS A 45 3.16 9.40 -28.66
C LYS A 45 2.76 10.72 -29.29
N LEU A 46 3.70 11.67 -29.29
CA LEU A 46 3.52 12.94 -30.00
C LEU A 46 3.47 12.70 -31.50
N LEU A 47 2.39 13.13 -32.15
CA LEU A 47 2.27 13.05 -33.61
C LEU A 47 2.46 14.39 -34.29
N ILE A 48 1.77 15.42 -33.83
CA ILE A 48 1.74 16.74 -34.45
C ILE A 48 1.79 17.82 -33.38
N TYR A 49 2.46 18.92 -33.70
CA TYR A 49 2.51 20.08 -32.81
C TYR A 49 2.37 21.33 -33.67
N LYS A 50 2.21 22.48 -33.00
CA LYS A 50 1.89 23.74 -33.66
C LYS A 50 0.77 23.57 -34.70
N ALA A 51 -0.24 22.79 -34.34
CA ALA A 51 -1.47 22.63 -35.12
C ALA A 51 -1.28 21.76 -36.35
N SER A 52 -0.16 21.95 -37.08
CA SER A 52 0.01 21.27 -38.36
C SER A 52 1.41 20.72 -38.64
N THR A 53 2.37 20.88 -37.73
CA THR A 53 3.73 20.39 -37.91
C THR A 53 3.91 18.92 -37.53
N LEU A 54 4.37 18.12 -38.48
CA LEU A 54 4.58 16.69 -38.29
C LEU A 54 5.89 16.44 -37.56
N LYS A 55 5.85 15.68 -36.47
CA LYS A 55 7.09 15.28 -35.81
C LYS A 55 7.89 14.31 -36.66
N THR A 56 9.21 14.51 -36.69
CA THR A 56 10.08 13.63 -37.47
C THR A 56 9.78 12.18 -37.14
N GLY A 57 9.62 11.35 -38.15
CA GLY A 57 9.38 9.94 -37.96
C GLY A 57 7.92 9.53 -38.08
N VAL A 58 7.00 10.49 -37.96
CA VAL A 58 5.57 10.26 -38.02
C VAL A 58 5.13 10.14 -39.48
N PRO A 59 4.49 9.03 -39.86
CA PRO A 59 4.12 8.84 -41.26
C PRO A 59 3.30 10.01 -41.81
N SER A 60 3.51 10.29 -43.10
CA SER A 60 2.91 11.44 -43.76
C SER A 60 1.40 11.32 -43.93
N ARG A 61 0.83 10.17 -43.60
CA ARG A 61 -0.62 10.02 -43.64
C ARG A 61 -1.30 10.77 -42.50
N PHE A 62 -0.58 11.09 -41.43
CA PHE A 62 -1.08 11.98 -40.39
C PHE A 62 -0.89 13.44 -40.79
N SER A 63 -1.95 14.24 -40.68
CA SER A 63 -1.90 15.66 -41.03
C SER A 63 -2.83 16.45 -40.12
N GLY A 64 -2.37 17.60 -39.65
CA GLY A 64 -3.16 18.46 -38.77
C GLY A 64 -3.39 19.82 -39.41
N SER A 65 -4.58 20.38 -39.18
CA SER A 65 -4.90 21.72 -39.67
C SER A 65 -5.73 22.46 -38.62
N GLY A 66 -5.87 23.76 -38.83
CA GLY A 66 -6.75 24.57 -38.01
C GLY A 66 -6.00 25.73 -37.35
N SER A 67 -6.79 26.60 -36.72
CA SER A 67 -6.26 27.72 -35.95
C SER A 67 -7.43 28.40 -35.24
N GLY A 68 -7.08 29.24 -34.27
CA GLY A 68 -8.07 29.90 -33.44
C GLY A 68 -8.81 28.93 -32.55
N THR A 69 -9.99 28.47 -33.00
CA THR A 69 -10.84 27.63 -32.16
C THR A 69 -11.17 26.27 -32.75
N GLU A 70 -10.92 26.02 -34.03
CA GLU A 70 -11.28 24.73 -34.63
C GLU A 70 -10.07 24.07 -35.28
N PHE A 71 -9.83 22.81 -34.91
CA PHE A 71 -8.68 22.05 -35.36
C PHE A 71 -9.12 20.65 -35.78
N THR A 72 -8.42 20.09 -36.77
CA THR A 72 -8.73 18.74 -37.24
C THR A 72 -7.43 17.95 -37.37
N LEU A 73 -7.50 16.67 -37.01
CA LEU A 73 -6.47 15.68 -37.28
C LEU A 73 -7.03 14.72 -38.33
N THR A 74 -6.36 14.63 -39.47
CA THR A 74 -6.78 13.74 -40.55
C THR A 74 -5.76 12.63 -40.73
N ILE A 75 -6.23 11.38 -40.75
CA ILE A 75 -5.41 10.22 -41.12
C ILE A 75 -5.89 9.74 -42.48
N SER A 76 -5.03 9.84 -43.50
CA SER A 76 -5.35 9.42 -44.87
C SER A 76 -4.83 8.00 -45.13
N GLY A 77 -5.75 7.07 -45.36
CA GLY A 77 -5.35 5.68 -45.56
C GLY A 77 -5.04 4.97 -44.28
N LEU A 78 -6.02 4.99 -43.38
CA LEU A 78 -5.96 4.33 -42.08
C LEU A 78 -5.38 2.92 -42.20
N GLN A 79 -4.37 2.63 -41.39
CA GLN A 79 -3.74 1.31 -41.32
C GLN A 79 -4.07 0.66 -39.98
N PHE A 80 -3.81 -0.65 -39.90
CA PHE A 80 -4.20 -1.38 -38.68
C PHE A 80 -3.48 -0.85 -37.46
N ASP A 81 -2.23 -0.43 -37.61
CA ASP A 81 -1.50 0.10 -36.47
C ASP A 81 -2.06 1.44 -35.99
N ASP A 82 -2.91 2.07 -36.77
CA ASP A 82 -3.50 3.36 -36.40
C ASP A 82 -4.72 3.25 -35.48
N PHE A 83 -5.30 2.07 -35.31
CA PHE A 83 -6.42 1.91 -34.38
C PHE A 83 -5.92 2.07 -32.95
N ALA A 84 -6.38 3.14 -32.30
CA ALA A 84 -5.85 3.59 -31.03
C ALA A 84 -6.66 4.79 -30.55
N THR A 85 -6.26 5.38 -29.43
CA THR A 85 -6.89 6.60 -28.96
C THR A 85 -6.02 7.81 -29.33
N TYR A 86 -6.66 8.88 -29.78
CA TYR A 86 -5.99 10.12 -30.16
C TYR A 86 -6.45 11.26 -29.24
N HIS A 87 -5.50 12.04 -28.73
CA HIS A 87 -5.75 13.15 -27.83
C HIS A 87 -5.27 14.47 -28.42
N CYS A 88 -6.13 15.49 -28.41
CA CYS A 88 -5.61 16.82 -28.72
C CYS A 88 -5.19 17.51 -27.42
N GLN A 89 -4.33 18.52 -27.55
CA GLN A 89 -3.78 19.20 -26.37
C GLN A 89 -3.46 20.64 -26.70
N HIS A 90 -4.02 21.57 -25.91
CA HIS A 90 -3.53 22.93 -25.89
C HIS A 90 -2.35 23.00 -24.92
N TYR A 91 -1.18 23.37 -25.41
CA TYR A 91 0.00 23.51 -24.55
C TYR A 91 0.42 24.97 -24.50
N ALA A 92 0.59 25.48 -23.28
CA ALA A 92 1.09 26.82 -23.00
C ALA A 92 2.41 26.70 -22.26
N GLY A 93 3.05 27.84 -21.99
CA GLY A 93 4.37 27.81 -21.39
C GLY A 93 4.45 26.98 -20.13
N TYR A 94 3.45 27.10 -19.25
CA TYR A 94 3.53 26.46 -17.94
C TYR A 94 2.27 25.66 -17.61
N SER A 95 1.46 25.29 -18.60
CA SER A 95 0.32 24.42 -18.33
C SER A 95 -0.23 23.91 -19.65
N ALA A 96 -1.17 22.95 -19.55
CA ALA A 96 -1.80 22.37 -20.72
C ALA A 96 -3.20 21.89 -20.36
N THR A 97 -4.00 21.64 -21.40
CA THR A 97 -5.34 21.07 -21.29
C THR A 97 -5.51 20.07 -22.42
N PHE A 98 -6.07 18.91 -22.11
CA PHE A 98 -6.34 17.89 -23.10
C PHE A 98 -7.83 17.79 -23.42
N GLY A 99 -8.14 17.34 -24.63
CA GLY A 99 -9.50 16.94 -24.94
C GLY A 99 -9.84 15.65 -24.22
N GLN A 100 -11.08 15.19 -24.41
CA GLN A 100 -11.48 13.95 -23.74
C GLN A 100 -10.93 12.71 -24.43
N GLY A 101 -10.33 12.85 -25.60
CA GLY A 101 -9.85 11.68 -26.35
C GLY A 101 -10.86 11.18 -27.35
N THR A 102 -10.34 10.59 -28.44
CA THR A 102 -11.15 9.93 -29.45
C THR A 102 -10.62 8.51 -29.67
N ARG A 103 -11.45 7.52 -29.40
CA ARG A 103 -11.07 6.13 -29.64
C ARG A 103 -11.43 5.75 -31.07
N VAL A 104 -10.44 5.31 -31.84
CA VAL A 104 -10.66 4.88 -33.22
C VAL A 104 -10.67 3.35 -33.23
N GLU A 105 -11.78 2.77 -33.67
CA GLU A 105 -11.95 1.33 -33.67
C GLU A 105 -12.35 0.85 -35.06
N ILE A 106 -12.27 -0.46 -35.26
CA ILE A 106 -12.70 -1.06 -36.52
C ILE A 106 -14.22 -1.14 -36.55
N LYS A 107 -14.82 -0.60 -37.61
CA LYS A 107 -16.28 -0.62 -37.77
C LYS A 107 -16.74 -2.04 -38.07
N ARG A 108 -17.85 -2.43 -37.45
CA ARG A 108 -18.53 -3.68 -37.80
C ARG A 108 -20.00 -3.57 -37.41
N THR A 109 -20.76 -4.61 -37.72
CA THR A 109 -22.19 -4.61 -37.41
C THR A 109 -22.41 -4.81 -35.91
N VAL A 110 -23.48 -4.19 -35.42
CA VAL A 110 -23.90 -4.37 -34.03
C VAL A 110 -24.02 -5.86 -33.73
N ALA A 111 -23.55 -6.26 -32.56
CA ALA A 111 -23.58 -7.65 -32.14
C ALA A 111 -23.91 -7.72 -30.66
N ALA A 112 -25.03 -8.35 -30.34
CA ALA A 112 -25.43 -8.52 -28.97
C ALA A 112 -24.46 -9.45 -28.25
N PRO A 113 -24.20 -9.21 -26.96
CA PRO A 113 -23.35 -10.12 -26.21
C PRO A 113 -24.05 -11.45 -25.96
N SER A 114 -23.25 -12.49 -25.77
CA SER A 114 -23.73 -13.72 -25.14
C SER A 114 -23.42 -13.61 -23.65
N VAL A 115 -24.40 -13.88 -22.81
CA VAL A 115 -24.27 -13.67 -21.38
C VAL A 115 -24.26 -15.00 -20.63
N PHE A 116 -23.30 -15.16 -19.73
CA PHE A 116 -23.11 -16.37 -18.94
C PHE A 116 -22.85 -15.96 -17.50
N ILE A 117 -23.36 -16.74 -16.56
CA ILE A 117 -23.11 -16.49 -15.14
C ILE A 117 -22.50 -17.75 -14.53
N PHE A 118 -21.61 -17.55 -13.58
CA PHE A 118 -20.87 -18.66 -12.95
C PHE A 118 -20.97 -18.49 -11.44
N PRO A 119 -21.60 -19.41 -10.72
CA PRO A 119 -21.57 -19.33 -9.26
C PRO A 119 -20.15 -19.53 -8.76
N PRO A 120 -19.88 -19.20 -7.50
CA PRO A 120 -18.55 -19.46 -6.95
C PRO A 120 -18.31 -20.95 -6.81
N SER A 121 -17.05 -21.35 -6.96
CA SER A 121 -16.73 -22.75 -6.72
C SER A 121 -16.84 -23.04 -5.23
N ASP A 122 -17.20 -24.29 -4.91
CA ASP A 122 -17.30 -24.67 -3.50
C ASP A 122 -15.97 -24.49 -2.78
N GLU A 123 -14.86 -24.81 -3.46
CA GLU A 123 -13.53 -24.67 -2.85
C GLU A 123 -13.27 -23.23 -2.41
N GLN A 124 -13.56 -22.27 -3.29
CA GLN A 124 -13.40 -20.85 -2.94
C GLN A 124 -14.34 -20.46 -1.81
N LEU A 125 -15.61 -20.87 -1.95
CA LEU A 125 -16.65 -20.56 -0.97
C LEU A 125 -16.22 -20.89 0.46
N LYS A 126 -15.67 -22.08 0.64
CA LYS A 126 -15.22 -22.54 1.95
C LYS A 126 -14.18 -21.61 2.57
N SER A 127 -13.27 -21.05 1.76
CA SER A 127 -12.23 -20.14 2.24
C SER A 127 -12.74 -18.78 2.71
N GLY A 128 -14.03 -18.50 2.58
CA GLY A 128 -14.63 -17.29 3.12
C GLY A 128 -14.87 -16.15 2.16
N THR A 129 -14.77 -16.38 0.86
CA THR A 129 -14.96 -15.34 -0.13
C THR A 129 -15.74 -15.96 -1.28
N ALA A 130 -16.65 -15.20 -1.85
CA ALA A 130 -17.50 -15.66 -2.96
C ALA A 130 -17.30 -14.74 -4.16
N SER A 131 -16.65 -15.25 -5.21
CA SER A 131 -16.58 -14.53 -6.47
C SER A 131 -17.61 -15.08 -7.45
N VAL A 132 -18.48 -14.21 -7.94
CA VAL A 132 -19.48 -14.54 -8.95
C VAL A 132 -19.07 -13.83 -10.23
N VAL A 133 -19.02 -14.57 -11.34
CA VAL A 133 -18.49 -14.04 -12.58
C VAL A 133 -19.59 -14.01 -13.63
N CYS A 134 -19.74 -12.85 -14.28
CA CYS A 134 -20.69 -12.65 -15.37
C CYS A 134 -19.87 -12.41 -16.62
N LEU A 135 -20.10 -13.20 -17.67
CA LEU A 135 -19.35 -13.09 -18.93
C LEU A 135 -20.23 -12.55 -20.03
N LEU A 136 -19.78 -11.46 -20.65
CA LEU A 136 -20.38 -10.91 -21.85
C LEU A 136 -19.46 -11.22 -23.03
N ASN A 137 -19.94 -12.01 -23.98
CA ASN A 137 -19.11 -12.56 -25.04
C ASN A 137 -19.38 -11.95 -26.40
N ASN A 138 -18.33 -11.44 -27.03
CA ASN A 138 -18.32 -11.01 -28.43
C ASN A 138 -19.45 -10.05 -28.77
N PHE A 139 -19.36 -8.82 -28.26
CA PHE A 139 -20.38 -7.83 -28.55
C PHE A 139 -19.75 -6.63 -29.24
N TYR A 140 -20.61 -5.80 -29.86
CA TYR A 140 -20.22 -4.55 -30.51
C TYR A 140 -21.43 -3.62 -30.64
N PRO A 141 -21.30 -2.32 -30.31
CA PRO A 141 -20.04 -1.66 -29.95
C PRO A 141 -19.60 -1.90 -28.50
N ARG A 142 -18.58 -1.17 -28.05
CA ARG A 142 -17.95 -1.47 -26.77
C ARG A 142 -18.82 -1.11 -25.57
N GLU A 143 -19.69 -0.12 -25.70
CA GLU A 143 -20.49 0.34 -24.57
C GLU A 143 -21.50 -0.71 -24.12
N ALA A 144 -21.38 -1.13 -22.86
CA ALA A 144 -22.32 -2.07 -22.26
C ALA A 144 -22.44 -1.70 -20.79
N LYS A 145 -23.61 -1.96 -20.21
CA LYS A 145 -23.86 -1.73 -18.80
C LYS A 145 -24.15 -3.06 -18.13
N VAL A 146 -23.52 -3.32 -16.99
CA VAL A 146 -23.72 -4.54 -16.22
C VAL A 146 -24.12 -4.18 -14.80
N GLN A 147 -25.27 -4.66 -14.36
CA GLN A 147 -25.74 -4.45 -13.00
C GLN A 147 -25.95 -5.80 -12.32
N TRP A 148 -25.41 -5.93 -11.12
CA TRP A 148 -25.64 -7.11 -10.30
C TRP A 148 -26.86 -6.87 -9.43
N LYS A 149 -27.70 -7.89 -9.29
CA LYS A 149 -28.82 -7.82 -8.36
C LYS A 149 -28.82 -9.07 -7.50
N VAL A 150 -28.87 -8.89 -6.19
CA VAL A 150 -28.91 -9.99 -5.24
C VAL A 150 -30.25 -9.91 -4.52
N ASP A 151 -31.12 -10.87 -4.78
CA ASP A 151 -32.50 -10.84 -4.31
C ASP A 151 -33.17 -9.52 -4.69
N ASN A 152 -32.96 -9.10 -5.94
CA ASN A 152 -33.55 -7.92 -6.56
C ASN A 152 -32.96 -6.61 -6.04
N ALA A 153 -32.02 -6.65 -5.10
CA ALA A 153 -31.36 -5.44 -4.60
C ALA A 153 -30.13 -5.12 -5.44
N LEU A 154 -30.12 -3.95 -6.05
CA LEU A 154 -28.99 -3.49 -6.86
C LEU A 154 -27.73 -3.35 -6.03
N GLN A 155 -26.62 -3.88 -6.54
CA GLN A 155 -25.33 -3.85 -5.85
C GLN A 155 -24.51 -2.64 -6.31
N SER A 156 -23.73 -2.08 -5.39
CA SER A 156 -22.77 -1.04 -5.75
C SER A 156 -21.49 -1.19 -4.93
N GLY A 157 -20.35 -0.94 -5.58
CA GLY A 157 -19.07 -0.87 -4.88
C GLY A 157 -18.38 -2.20 -4.61
N ASN A 158 -18.92 -3.32 -5.06
CA ASN A 158 -18.33 -4.62 -4.78
C ASN A 158 -18.12 -5.48 -6.03
N SER A 159 -17.97 -4.84 -7.19
CA SER A 159 -17.69 -5.57 -8.42
C SER A 159 -16.63 -4.83 -9.23
N GLN A 160 -15.93 -5.58 -10.07
CA GLN A 160 -14.92 -5.04 -10.97
C GLN A 160 -15.10 -5.61 -12.37
N GLU A 161 -14.87 -4.77 -13.38
CA GLU A 161 -14.97 -5.20 -14.77
C GLU A 161 -13.61 -5.17 -15.47
N SER A 162 -13.48 -6.00 -16.50
CA SER A 162 -12.32 -6.00 -17.37
C SER A 162 -12.84 -6.21 -18.79
N VAL A 163 -12.39 -5.41 -19.76
CA VAL A 163 -12.79 -5.57 -21.16
C VAL A 163 -11.59 -5.92 -22.03
N THR A 164 -11.81 -6.81 -22.99
CA THR A 164 -10.75 -7.18 -23.91
C THR A 164 -10.59 -6.12 -24.98
N GLU A 165 -9.43 -6.12 -25.64
CA GLU A 165 -9.31 -5.29 -26.83
C GLU A 165 -10.08 -5.92 -27.99
N GLN A 166 -10.33 -5.11 -29.02
CA GLN A 166 -11.08 -5.56 -30.19
C GLN A 166 -10.45 -6.84 -30.75
N ASP A 167 -11.29 -7.85 -31.00
CA ASP A 167 -10.82 -9.16 -31.45
C ASP A 167 -10.27 -9.10 -32.88
N SER A 168 -9.07 -9.66 -33.08
CA SER A 168 -8.41 -9.62 -34.38
C SER A 168 -9.22 -10.21 -35.53
N LYS A 169 -10.17 -11.10 -35.25
CA LYS A 169 -10.90 -11.79 -36.33
C LYS A 169 -12.29 -11.23 -36.57
N ASP A 170 -13.10 -11.03 -35.52
CA ASP A 170 -14.45 -10.54 -35.73
C ASP A 170 -14.66 -9.14 -35.20
N SER A 171 -13.61 -8.48 -34.70
CA SER A 171 -13.67 -7.09 -34.24
C SER A 171 -14.64 -6.87 -33.07
N THR A 172 -15.01 -7.91 -32.34
CA THR A 172 -15.91 -7.72 -31.21
C THR A 172 -15.13 -7.48 -29.92
N TYR A 173 -15.86 -7.10 -28.88
CA TYR A 173 -15.29 -6.98 -27.55
C TYR A 173 -15.90 -8.03 -26.64
N SER A 174 -15.20 -8.35 -25.56
CA SER A 174 -15.73 -9.20 -24.51
C SER A 174 -15.46 -8.56 -23.15
N LEU A 175 -16.31 -8.89 -22.17
CA LEU A 175 -16.23 -8.26 -20.87
C LEU A 175 -16.47 -9.28 -19.77
N SER A 176 -15.77 -9.10 -18.65
CA SER A 176 -15.91 -9.93 -17.47
C SER A 176 -16.18 -9.04 -16.27
N SER A 177 -17.22 -9.37 -15.50
CA SER A 177 -17.50 -8.68 -14.25
C SER A 177 -17.46 -9.69 -13.11
N THR A 178 -16.73 -9.36 -12.04
CA THR A 178 -16.64 -10.22 -10.87
C THR A 178 -17.23 -9.52 -9.65
N LEU A 179 -18.26 -10.14 -9.06
CA LEU A 179 -18.84 -9.71 -7.80
C LEU A 179 -18.18 -10.51 -6.69
N THR A 180 -17.58 -9.83 -5.70
CA THR A 180 -16.91 -10.52 -4.60
C THR A 180 -17.62 -10.24 -3.28
N LEU A 181 -18.03 -11.31 -2.59
CA LEU A 181 -18.66 -11.23 -1.28
C LEU A 181 -17.98 -12.22 -0.33
N SER A 182 -18.02 -11.90 0.97
CA SER A 182 -17.64 -12.86 1.99
C SER A 182 -18.61 -14.03 2.04
N LYS A 183 -18.09 -15.21 2.41
CA LYS A 183 -18.93 -16.39 2.66
C LYS A 183 -20.17 -16.04 3.49
N ALA A 184 -19.98 -15.29 4.57
CA ALA A 184 -21.08 -14.96 5.45
C ALA A 184 -22.13 -14.12 4.73
N ASP A 185 -21.68 -13.06 4.04
CA ASP A 185 -22.58 -12.26 3.21
C ASP A 185 -23.27 -13.11 2.15
N TYR A 186 -22.50 -13.89 1.39
CA TYR A 186 -23.05 -14.68 0.29
C TYR A 186 -24.19 -15.60 0.71
N GLU A 187 -24.08 -16.18 1.90
CA GLU A 187 -25.07 -17.14 2.38
C GLU A 187 -26.31 -16.47 3.00
N LYS A 188 -26.32 -15.15 3.11
CA LYS A 188 -27.50 -14.43 3.59
C LYS A 188 -28.55 -14.19 2.52
N HIS A 189 -28.27 -14.57 1.27
CA HIS A 189 -29.16 -14.28 0.15
C HIS A 189 -29.33 -15.53 -0.71
N LYS A 190 -30.37 -15.51 -1.55
CA LYS A 190 -30.73 -16.67 -2.37
C LYS A 190 -30.44 -16.50 -3.86
N VAL A 191 -31.02 -15.49 -4.50
CA VAL A 191 -30.96 -15.31 -5.95
C VAL A 191 -29.89 -14.30 -6.33
N TYR A 192 -28.95 -14.72 -7.18
CA TYR A 192 -27.88 -13.87 -7.67
C TYR A 192 -28.09 -13.67 -9.17
N ALA A 193 -28.05 -12.43 -9.63
CA ALA A 193 -28.32 -12.16 -11.03
C ALA A 193 -27.42 -11.04 -11.56
N CYS A 194 -27.19 -11.08 -12.88
CA CYS A 194 -26.46 -10.03 -13.59
C CYS A 194 -27.26 -9.61 -14.81
N GLU A 195 -27.67 -8.35 -14.81
CA GLU A 195 -28.52 -7.76 -15.84
C GLU A 195 -27.68 -6.93 -16.79
N VAL A 196 -27.71 -7.28 -18.08
CA VAL A 196 -26.84 -6.71 -19.10
C VAL A 196 -27.67 -5.85 -20.07
N THR A 197 -27.23 -4.61 -20.26
CA THR A 197 -27.84 -3.70 -21.21
C THR A 197 -26.84 -3.39 -22.32
N HIS A 198 -27.32 -3.39 -23.56
CA HIS A 198 -26.48 -3.19 -24.73
C HIS A 198 -27.35 -2.80 -25.90
N GLN A 199 -26.78 -2.01 -26.81
CA GLN A 199 -27.55 -1.44 -27.91
C GLN A 199 -28.13 -2.53 -28.80
N GLY A 200 -27.50 -3.70 -28.82
CA GLY A 200 -27.94 -4.82 -29.63
C GLY A 200 -28.99 -5.69 -29.02
N LEU A 201 -29.27 -5.56 -27.72
CA LEU A 201 -30.29 -6.37 -27.08
C LEU A 201 -31.62 -5.63 -27.17
N SER A 202 -32.68 -6.35 -27.58
CA SER A 202 -34.00 -5.77 -27.65
C SER A 202 -34.43 -5.18 -26.30
N SER A 203 -34.14 -5.90 -25.23
CA SER A 203 -34.34 -5.41 -23.86
C SER A 203 -33.27 -6.07 -23.01
N PRO A 204 -33.14 -5.75 -21.71
CA PRO A 204 -32.00 -6.30 -20.96
C PRO A 204 -32.12 -7.80 -20.80
N VAL A 205 -30.96 -8.46 -20.75
CA VAL A 205 -30.90 -9.90 -20.51
C VAL A 205 -30.40 -10.11 -19.09
N THR A 206 -31.13 -10.94 -18.35
CA THR A 206 -30.80 -11.25 -16.98
C THR A 206 -30.49 -12.73 -16.85
N LYS A 207 -29.30 -13.06 -16.37
CA LYS A 207 -28.92 -14.43 -16.07
C LYS A 207 -28.90 -14.56 -14.56
N SER A 208 -29.45 -15.65 -14.05
CA SER A 208 -29.54 -15.83 -12.61
C SER A 208 -29.39 -17.30 -12.25
N PHE A 209 -29.03 -17.52 -10.99
CA PHE A 209 -29.03 -18.85 -10.41
C PHE A 209 -29.44 -18.73 -8.95
N ASN A 210 -29.91 -19.85 -8.39
CA ASN A 210 -30.21 -19.96 -6.98
C ASN A 210 -29.03 -20.63 -6.28
N ARG A 211 -28.57 -20.03 -5.19
CA ARG A 211 -27.46 -20.63 -4.45
C ARG A 211 -27.83 -22.04 -3.99
N GLY A 212 -26.92 -22.98 -4.23
CA GLY A 212 -27.15 -24.37 -3.89
C GLY A 212 -27.88 -25.21 -4.93
N GLU A 213 -28.47 -24.57 -5.95
CA GLU A 213 -29.10 -25.15 -7.15
C GLU A 213 -30.61 -25.22 -6.91
N GLU B 1 15.86 6.68 -27.73
CA GLU B 1 16.96 6.81 -26.79
C GLU B 1 16.46 7.46 -25.48
N VAL B 2 15.87 8.65 -25.62
CA VAL B 2 15.39 9.42 -24.48
C VAL B 2 14.35 8.62 -23.71
N GLN B 3 14.57 8.46 -22.40
CA GLN B 3 13.66 7.65 -21.61
C GLN B 3 13.34 8.34 -20.28
N LEU B 4 12.15 8.04 -19.76
CA LEU B 4 11.75 8.39 -18.41
C LEU B 4 11.17 7.14 -17.74
N VAL B 5 11.28 7.07 -16.42
CA VAL B 5 10.62 6.00 -15.67
C VAL B 5 10.11 6.53 -14.33
N GLU B 6 8.83 6.26 -14.04
CA GLU B 6 8.18 6.67 -12.80
C GLU B 6 8.29 5.57 -11.74
N SER B 7 8.37 6.00 -10.47
CA SER B 7 8.37 5.09 -9.33
C SER B 7 7.36 5.60 -8.32
N GLY B 8 6.85 4.67 -7.50
CA GLY B 8 6.09 5.04 -6.33
C GLY B 8 4.62 4.68 -6.38
N GLY B 9 4.09 4.29 -7.55
CA GLY B 9 2.70 3.90 -7.62
C GLY B 9 2.29 2.86 -6.59
N GLY B 10 1.00 2.80 -6.28
CA GLY B 10 0.54 1.85 -5.31
C GLY B 10 -0.93 2.04 -5.03
N LEU B 11 -1.41 1.32 -4.02
CA LEU B 11 -2.79 1.41 -3.58
C LEU B 11 -2.83 2.28 -2.33
N VAL B 12 -3.66 3.32 -2.35
CA VAL B 12 -3.79 4.19 -1.19
C VAL B 12 -5.26 4.38 -0.87
N LYS B 13 -5.56 4.50 0.42
CA LYS B 13 -6.92 4.77 0.89
C LYS B 13 -7.24 6.25 0.80
N ALA B 14 -8.50 6.55 0.46
CA ALA B 14 -8.96 7.93 0.40
C ALA B 14 -8.45 8.71 1.60
N GLY B 15 -7.98 9.92 1.35
CA GLY B 15 -7.45 10.76 2.39
C GLY B 15 -5.98 10.53 2.66
N GLY B 16 -5.41 9.43 2.15
CA GLY B 16 -4.02 9.11 2.37
C GLY B 16 -3.08 9.91 1.49
N SER B 17 -1.79 9.57 1.59
CA SER B 17 -0.74 10.25 0.85
C SER B 17 0.11 9.25 0.09
N LEU B 18 0.70 9.71 -1.01
CA LEU B 18 1.55 8.90 -1.86
C LEU B 18 2.47 9.85 -2.61
N ILE B 19 3.75 9.51 -2.67
CA ILE B 19 4.74 10.34 -3.35
C ILE B 19 5.32 9.57 -4.53
N LEU B 20 5.36 10.21 -5.70
CA LEU B 20 5.93 9.61 -6.90
C LEU B 20 7.22 10.33 -7.27
N SER B 21 8.09 9.61 -7.98
CA SER B 21 9.31 10.17 -8.51
C SER B 21 9.42 9.78 -9.97
N CYS B 22 10.32 10.45 -10.67
CA CYS B 22 10.52 10.23 -12.09
C CYS B 22 12.01 10.36 -12.36
N GLY B 23 12.58 9.38 -13.05
CA GLY B 23 13.97 9.41 -13.43
C GLY B 23 14.06 9.42 -14.94
N VAL B 24 15.24 9.74 -15.46
CA VAL B 24 15.43 9.79 -16.90
C VAL B 24 16.71 9.07 -17.29
N SER B 25 16.83 8.81 -18.58
CA SER B 25 18.04 8.26 -19.17
C SER B 25 18.37 8.96 -20.48
N ASN B 26 19.66 9.22 -20.71
CA ASN B 26 20.18 9.74 -21.97
C ASN B 26 19.81 11.19 -22.25
N PHE B 27 19.37 11.94 -21.25
CA PHE B 27 19.32 13.39 -21.36
C PHE B 27 19.31 13.99 -19.97
N ARG B 28 19.55 15.30 -19.90
CA ARG B 28 19.46 16.01 -18.64
C ARG B 28 18.15 16.78 -18.61
N ILE B 29 17.50 16.81 -17.45
CA ILE B 29 16.25 17.55 -17.33
C ILE B 29 16.45 19.06 -17.21
N SER B 30 17.64 19.51 -16.80
CA SER B 30 17.89 20.90 -16.44
C SER B 30 17.29 21.89 -17.44
N ALA B 31 17.38 21.60 -18.73
CA ALA B 31 16.88 22.55 -19.71
C ALA B 31 15.40 22.37 -20.00
N HIS B 32 14.72 21.41 -19.36
CA HIS B 32 13.35 21.07 -19.70
C HIS B 32 12.37 21.43 -18.59
N THR B 33 11.24 21.99 -18.98
CA THR B 33 10.08 22.10 -18.10
C THR B 33 9.48 20.71 -17.94
N MET B 34 9.29 20.25 -16.71
CA MET B 34 8.82 18.90 -16.48
C MET B 34 7.38 18.91 -15.98
N ASN B 35 6.61 17.91 -16.41
CA ASN B 35 5.18 17.86 -16.20
C ASN B 35 4.75 16.51 -15.64
N TRP B 36 3.60 16.52 -14.97
CA TRP B 36 2.91 15.30 -14.57
C TRP B 36 1.56 15.29 -15.26
N VAL B 37 1.20 14.12 -15.79
CA VAL B 37 -0.05 13.91 -16.51
C VAL B 37 -0.63 12.58 -16.06
N ARG B 38 -1.96 12.48 -16.06
CA ARG B 38 -2.62 11.24 -15.67
C ARG B 38 -3.70 10.86 -16.67
N ARG B 39 -3.87 9.54 -16.84
CA ARG B 39 -4.90 8.98 -17.71
C ARG B 39 -5.95 8.35 -16.80
N VAL B 40 -7.15 8.91 -16.79
CA VAL B 40 -8.21 8.48 -15.88
C VAL B 40 -8.90 7.26 -16.50
N PRO B 41 -9.63 6.46 -15.72
CA PRO B 41 -10.17 5.21 -16.27
C PRO B 41 -11.04 5.39 -17.50
N GLY B 42 -11.70 6.55 -17.63
CA GLY B 42 -12.48 6.82 -18.84
C GLY B 42 -11.66 6.81 -20.11
N GLY B 43 -10.36 7.10 -19.99
CA GLY B 43 -9.44 7.02 -21.11
C GLY B 43 -8.79 8.34 -21.44
N GLY B 44 -9.37 9.47 -20.99
CA GLY B 44 -8.82 10.77 -21.27
C GLY B 44 -7.62 11.13 -20.40
N LEU B 45 -6.80 12.03 -20.92
CA LEU B 45 -5.67 12.58 -20.19
C LEU B 45 -6.04 13.85 -19.45
N GLU B 46 -5.42 14.04 -18.28
CA GLU B 46 -5.56 15.28 -17.52
C GLU B 46 -4.17 15.79 -17.17
N TRP B 47 -3.88 17.02 -17.55
CA TRP B 47 -2.66 17.67 -17.09
C TRP B 47 -2.76 17.87 -15.58
N VAL B 48 -1.68 17.59 -14.86
CA VAL B 48 -1.71 17.58 -13.41
C VAL B 48 -0.83 18.67 -12.81
N ALA B 49 0.44 18.73 -13.23
CA ALA B 49 1.32 19.75 -12.68
C ALA B 49 2.48 19.98 -13.61
N SER B 50 3.08 21.16 -13.49
CA SER B 50 4.24 21.55 -14.27
C SER B 50 5.19 22.31 -13.36
N ILE B 51 6.50 22.11 -13.56
CA ILE B 51 7.52 22.86 -12.85
C ILE B 51 8.55 23.32 -13.87
N SER B 52 8.77 24.62 -13.93
CA SER B 52 9.59 25.15 -15.01
C SER B 52 11.07 24.90 -14.73
N THR B 53 11.90 25.29 -15.68
CA THR B 53 13.34 25.26 -15.47
C THR B 53 13.69 26.16 -14.29
N SER B 54 14.75 25.78 -13.58
CA SER B 54 15.24 26.53 -12.42
C SER B 54 14.21 26.58 -11.28
N SER B 55 13.10 25.86 -11.40
CA SER B 55 12.01 25.81 -10.42
C SER B 55 11.34 27.16 -10.20
N THR B 56 11.45 28.06 -11.16
CA THR B 56 10.87 29.40 -11.02
C THR B 56 9.34 29.39 -10.87
N TYR B 57 8.63 28.57 -11.65
CA TYR B 57 7.18 28.50 -11.60
C TYR B 57 6.67 27.07 -11.43
N ARG B 58 5.70 26.89 -10.52
CA ARG B 58 4.99 25.62 -10.36
C ARG B 58 3.50 25.85 -10.52
N ASP B 59 2.87 25.10 -11.41
CA ASP B 59 1.46 25.26 -11.74
C ASP B 59 0.74 23.92 -11.60
N TYR B 60 -0.51 23.98 -11.13
CA TYR B 60 -1.30 22.79 -10.87
C TYR B 60 -2.67 22.90 -11.48
N ALA B 61 -3.24 21.75 -11.84
CA ALA B 61 -4.65 21.68 -12.19
C ALA B 61 -5.51 22.03 -10.99
N ASP B 62 -6.63 22.74 -11.24
CA ASP B 62 -7.50 23.17 -10.15
C ASP B 62 -7.92 22.00 -9.26
N ALA B 63 -8.20 20.85 -9.86
CA ALA B 63 -8.65 19.68 -9.11
C ALA B 63 -7.65 19.26 -8.04
N VAL B 64 -6.38 19.59 -8.19
CA VAL B 64 -5.35 19.17 -7.24
C VAL B 64 -4.69 20.33 -6.48
N LYS B 65 -4.98 21.60 -6.79
CA LYS B 65 -4.38 22.69 -6.04
C LYS B 65 -4.62 22.50 -4.55
N GLY B 66 -3.58 22.73 -3.75
CA GLY B 66 -3.66 22.57 -2.33
C GLY B 66 -3.33 21.17 -1.85
N ARG B 67 -3.38 20.18 -2.73
CA ARG B 67 -3.13 18.80 -2.38
C ARG B 67 -1.84 18.24 -2.97
N PHE B 68 -1.42 18.71 -4.14
CA PHE B 68 -0.26 18.17 -4.82
C PHE B 68 0.89 19.17 -4.81
N THR B 69 2.12 18.65 -4.75
CA THR B 69 3.32 19.45 -4.92
C THR B 69 4.26 18.77 -5.89
N VAL B 70 4.79 19.52 -6.87
CA VAL B 70 5.83 19.01 -7.76
C VAL B 70 7.16 19.67 -7.39
N SER B 71 8.24 18.89 -7.47
CA SER B 71 9.59 19.37 -7.18
C SER B 71 10.52 18.80 -8.24
N ARG B 72 11.67 19.45 -8.44
CA ARG B 72 12.67 18.95 -9.37
C ARG B 72 14.07 18.97 -8.73
N ASP B 73 14.90 18.01 -9.17
CA ASP B 73 16.28 17.84 -8.70
C ASP B 73 17.21 17.78 -9.92
N ASP B 74 17.66 18.94 -10.38
CA ASP B 74 18.49 19.00 -11.60
C ASP B 74 19.80 18.24 -11.45
N LEU B 75 20.40 18.25 -10.25
CA LEU B 75 21.72 17.62 -10.08
C LEU B 75 21.68 16.11 -10.24
N GLU B 76 20.59 15.45 -9.86
CA GLU B 76 20.48 14.01 -10.02
C GLU B 76 19.43 13.58 -11.04
N ASP B 77 18.79 14.55 -11.71
CA ASP B 77 17.82 14.28 -12.78
C ASP B 77 16.62 13.48 -12.27
N PHE B 78 15.96 14.04 -11.24
CA PHE B 78 14.72 13.48 -10.73
C PHE B 78 13.63 14.54 -10.66
N VAL B 79 12.39 14.10 -10.78
CA VAL B 79 11.21 14.93 -10.56
C VAL B 79 10.32 14.22 -9.54
N TYR B 80 9.65 14.98 -8.67
CA TYR B 80 8.80 14.39 -7.65
C TYR B 80 7.40 14.95 -7.77
N LEU B 81 6.41 14.13 -7.41
CA LEU B 81 5.02 14.54 -7.24
C LEU B 81 4.52 14.05 -5.90
N GLN B 82 4.27 14.98 -4.98
CA GLN B 82 3.60 14.65 -3.72
C GLN B 82 2.09 14.72 -3.90
N MET B 83 1.40 13.69 -3.42
CA MET B 83 -0.05 13.64 -3.48
C MET B 83 -0.59 13.49 -2.07
N HIS B 84 -1.38 14.45 -1.60
CA HIS B 84 -2.00 14.34 -0.28
C HIS B 84 -3.51 14.44 -0.41
N LYS B 85 -4.21 14.14 0.70
CA LYS B 85 -5.66 14.19 0.77
C LYS B 85 -6.30 13.58 -0.48
N MET B 86 -5.81 12.39 -0.85
CA MET B 86 -6.19 11.83 -2.13
C MET B 86 -7.64 11.39 -2.16
N ARG B 87 -8.23 11.49 -3.36
CA ARG B 87 -9.65 11.23 -3.57
C ARG B 87 -9.78 10.12 -4.60
N VAL B 88 -10.96 9.50 -4.64
CA VAL B 88 -11.22 8.46 -5.62
C VAL B 88 -10.90 8.92 -7.03
N GLU B 89 -11.27 10.16 -7.37
CA GLU B 89 -11.05 10.65 -8.73
C GLU B 89 -9.59 10.93 -9.05
N ASP B 90 -8.67 10.75 -8.08
CA ASP B 90 -7.25 10.80 -8.39
C ASP B 90 -6.74 9.49 -8.96
N THR B 91 -7.57 8.43 -8.90
CA THR B 91 -7.22 7.14 -9.48
C THR B 91 -6.97 7.28 -10.97
N ALA B 92 -5.77 6.88 -11.40
CA ALA B 92 -5.35 7.07 -12.78
C ALA B 92 -3.94 6.50 -12.94
N ILE B 93 -3.51 6.42 -14.20
CA ILE B 93 -2.11 6.13 -14.51
C ILE B 93 -1.39 7.48 -14.58
N TYR B 94 -0.31 7.63 -13.80
CA TYR B 94 0.42 8.89 -13.79
C TYR B 94 1.66 8.81 -14.65
N TYR B 95 1.82 9.78 -15.54
CA TYR B 95 2.97 9.88 -16.43
C TYR B 95 3.75 11.13 -16.12
N CYS B 96 5.06 11.05 -16.28
CA CYS B 96 5.98 12.17 -16.21
C CYS B 96 6.38 12.55 -17.64
N ALA B 97 6.28 13.83 -17.98
CA ALA B 97 6.50 14.28 -19.35
C ALA B 97 7.31 15.56 -19.35
N ARG B 98 8.15 15.69 -20.37
CA ARG B 98 8.98 16.87 -20.58
C ARG B 98 8.47 17.67 -21.76
N LYS B 99 8.63 18.99 -21.68
CA LYS B 99 8.42 19.86 -22.83
C LYS B 99 9.73 19.94 -23.58
N GLY B 100 9.68 19.62 -24.88
CA GLY B 100 10.90 19.59 -25.66
C GLY B 100 10.63 19.61 -27.15
N SER B 101 11.66 19.95 -27.89
CA SER B 101 11.64 19.92 -29.34
C SER B 101 13.09 19.84 -29.79
N ASP B 102 13.28 19.60 -31.10
CA ASP B 102 14.64 19.48 -31.62
C ASP B 102 15.45 20.74 -31.30
N ARG B 103 14.83 21.91 -31.41
CA ARG B 103 15.36 23.15 -30.86
C ARG B 103 14.36 23.72 -29.86
N LEU B 104 14.81 23.95 -28.63
CA LEU B 104 13.90 24.41 -27.59
C LEU B 104 13.40 25.83 -27.88
N SER B 105 12.08 26.01 -27.80
CA SER B 105 11.42 27.31 -27.92
C SER B 105 10.70 27.62 -26.62
N ASP B 106 10.09 28.82 -26.58
CA ASP B 106 9.31 29.24 -25.42
C ASP B 106 8.05 28.43 -25.18
N ASN B 107 7.65 27.57 -26.10
CA ASN B 107 6.43 26.77 -25.88
C ASN B 107 6.47 25.52 -26.77
N ASP B 108 7.00 24.43 -26.22
CA ASP B 108 7.09 23.18 -26.95
C ASP B 108 6.12 22.13 -26.39
N PRO B 109 5.72 21.16 -27.20
CA PRO B 109 4.80 20.11 -26.74
C PRO B 109 5.52 19.11 -25.85
N PHE B 110 4.76 18.13 -25.35
CA PHE B 110 5.31 17.04 -24.54
C PHE B 110 5.89 16.01 -25.48
N ASP B 111 7.20 16.07 -25.73
CA ASP B 111 7.84 15.21 -26.72
C ASP B 111 8.36 13.88 -26.19
N ALA B 112 8.49 13.71 -24.87
CA ALA B 112 8.94 12.43 -24.30
C ALA B 112 8.15 12.10 -23.04
N TRP B 113 7.68 10.86 -22.94
CA TRP B 113 6.85 10.41 -21.84
C TRP B 113 7.40 9.14 -21.21
N GLY B 114 7.17 9.00 -19.89
CA GLY B 114 7.43 7.74 -19.22
C GLY B 114 6.31 6.76 -19.46
N PRO B 115 6.59 5.49 -19.12
CA PRO B 115 5.57 4.44 -19.35
C PRO B 115 4.36 4.55 -18.46
N GLY B 116 4.48 5.19 -17.30
CA GLY B 116 3.39 5.39 -16.38
C GLY B 116 3.49 4.49 -15.16
N THR B 117 2.84 4.93 -14.08
CA THR B 117 2.74 4.18 -12.85
C THR B 117 1.29 4.28 -12.37
N VAL B 118 0.74 3.14 -11.95
CA VAL B 118 -0.69 3.07 -11.64
C VAL B 118 -0.91 3.50 -10.20
N VAL B 119 -1.80 4.48 -10.01
CA VAL B 119 -2.19 4.94 -8.69
C VAL B 119 -3.68 4.64 -8.54
N THR B 120 -4.04 3.97 -7.45
CA THR B 120 -5.42 3.56 -7.19
C THR B 120 -5.79 4.05 -5.79
N VAL B 121 -6.87 4.81 -5.69
CA VAL B 121 -7.41 5.29 -4.42
C VAL B 121 -8.68 4.52 -4.12
N SER B 122 -8.64 3.66 -3.09
CA SER B 122 -9.84 2.97 -2.70
C SER B 122 -10.80 3.92 -1.99
N PRO B 123 -12.12 3.67 -2.10
CA PRO B 123 -13.08 4.69 -1.67
C PRO B 123 -13.17 4.85 -0.17
N ALA B 124 -13.02 3.76 0.60
CA ALA B 124 -13.17 3.85 2.04
C ALA B 124 -11.91 4.43 2.68
N SER B 125 -12.08 5.51 3.42
CA SER B 125 -11.00 6.17 4.12
C SER B 125 -10.83 5.64 5.54
N THR B 126 -11.77 4.81 6.00
CA THR B 126 -11.72 4.14 7.30
C THR B 126 -12.44 2.81 7.19
N LYS B 127 -12.23 1.97 8.20
CA LYS B 127 -12.90 0.68 8.31
C LYS B 127 -13.02 0.30 9.78
N GLY B 128 -14.23 0.04 10.24
CA GLY B 128 -14.46 -0.30 11.62
C GLY B 128 -14.01 -1.72 11.96
N PRO B 129 -13.73 -1.94 13.24
CA PRO B 129 -13.16 -3.23 13.66
C PRO B 129 -14.21 -4.33 13.80
N SER B 130 -13.76 -5.57 13.59
CA SER B 130 -14.50 -6.74 14.01
C SER B 130 -13.99 -7.11 15.40
N VAL B 131 -14.91 -7.39 16.33
CA VAL B 131 -14.56 -7.71 17.70
C VAL B 131 -14.95 -9.15 18.01
N PHE B 132 -14.00 -9.91 18.57
CA PHE B 132 -14.25 -11.29 18.89
C PHE B 132 -13.92 -11.54 20.36
N PRO B 133 -14.67 -12.40 21.04
CA PRO B 133 -14.36 -12.69 22.44
C PRO B 133 -13.11 -13.54 22.58
N LEU B 134 -12.33 -13.25 23.61
CA LEU B 134 -11.29 -14.18 24.07
C LEU B 134 -11.85 -14.86 25.33
N ALA B 135 -12.52 -15.98 25.11
CA ALA B 135 -13.25 -16.65 26.18
C ALA B 135 -12.25 -17.31 27.13
N PRO B 136 -12.46 -17.21 28.44
CA PRO B 136 -11.50 -17.82 29.37
C PRO B 136 -11.60 -19.34 29.36
N SER B 137 -10.57 -19.95 29.95
CA SER B 137 -10.43 -21.40 29.92
C SER B 137 -11.36 -22.07 30.92
N SER B 138 -12.01 -23.14 30.48
CA SER B 138 -12.88 -23.89 31.39
C SER B 138 -12.06 -24.53 32.52
N LYS B 139 -10.81 -24.91 32.26
CA LYS B 139 -9.96 -25.54 33.26
C LYS B 139 -9.04 -24.53 33.96
N SER B 140 -9.52 -23.30 34.16
CA SER B 140 -8.76 -22.28 34.85
C SER B 140 -8.44 -22.73 36.28
N THR B 141 -7.61 -21.96 36.97
CA THR B 141 -7.25 -22.33 38.32
C THR B 141 -8.47 -22.15 39.22
N SER B 142 -8.76 -23.17 40.03
CA SER B 142 -9.87 -23.13 40.96
C SER B 142 -9.47 -22.31 42.19
N GLY B 143 -10.14 -21.18 42.38
CA GLY B 143 -9.86 -20.32 43.51
C GLY B 143 -9.70 -18.86 43.14
N GLY B 144 -9.58 -18.59 41.85
CA GLY B 144 -9.30 -17.25 41.36
C GLY B 144 -8.24 -17.23 40.28
N THR B 145 -8.05 -16.03 39.73
CA THR B 145 -7.10 -15.69 38.65
C THR B 145 -7.43 -16.35 37.30
N ALA B 146 -8.43 -15.82 36.61
CA ALA B 146 -8.83 -16.22 35.27
C ALA B 146 -8.51 -15.07 34.32
N ALA B 147 -8.32 -15.38 33.03
CA ALA B 147 -8.07 -14.33 32.05
C ALA B 147 -9.02 -14.44 30.87
N LEU B 148 -9.54 -13.28 30.46
CA LEU B 148 -10.44 -13.16 29.31
C LEU B 148 -10.15 -11.83 28.63
N GLY B 149 -10.66 -11.67 27.41
CA GLY B 149 -10.40 -10.44 26.70
C GLY B 149 -11.15 -10.36 25.39
N CYS B 150 -10.86 -9.29 24.64
CA CYS B 150 -11.42 -9.05 23.33
C CYS B 150 -10.32 -8.89 22.30
N LEU B 151 -10.53 -9.48 21.12
CA LEU B 151 -9.66 -9.32 19.97
C LEU B 151 -10.29 -8.31 19.01
N VAL B 152 -9.66 -7.14 18.87
CA VAL B 152 -10.17 -6.08 18.01
C VAL B 152 -9.41 -6.15 16.68
N LYS B 153 -10.09 -6.60 15.62
CA LYS B 153 -9.42 -7.05 14.41
C LYS B 153 -9.87 -6.29 13.17
N ASP B 154 -8.92 -6.01 12.28
CA ASP B 154 -9.19 -5.48 10.92
C ASP B 154 -9.86 -4.10 10.94
N TYR B 155 -9.17 -3.13 11.54
CA TYR B 155 -9.64 -1.76 11.51
C TYR B 155 -8.58 -0.85 10.93
N PHE B 156 -8.97 0.39 10.64
CA PHE B 156 -8.09 1.37 10.02
C PHE B 156 -8.76 2.74 10.02
N PRO B 157 -8.04 3.82 10.37
CA PRO B 157 -6.66 3.85 10.84
C PRO B 157 -6.62 3.70 12.35
N GLU B 158 -5.47 3.92 12.99
CA GLU B 158 -5.48 3.98 14.44
C GLU B 158 -6.14 5.29 14.87
N PRO B 159 -6.63 5.36 16.11
CA PRO B 159 -6.62 4.37 17.18
C PRO B 159 -8.01 3.81 17.51
N VAL B 160 -8.04 2.72 18.26
CA VAL B 160 -9.24 2.32 18.96
C VAL B 160 -8.99 2.53 20.44
N THR B 161 -10.08 2.67 21.19
CA THR B 161 -10.03 2.69 22.64
C THR B 161 -10.90 1.55 23.15
N VAL B 162 -10.48 0.94 24.25
CA VAL B 162 -11.22 -0.16 24.86
C VAL B 162 -11.43 0.10 26.33
N SER B 163 -12.67 0.01 26.77
CA SER B 163 -13.00 0.03 28.18
C SER B 163 -13.69 -1.28 28.51
N TRP B 164 -13.78 -1.59 29.80
CA TRP B 164 -14.42 -2.81 30.26
C TRP B 164 -15.55 -2.48 31.21
N ASN B 165 -16.74 -3.01 30.93
CA ASN B 165 -17.94 -2.73 31.71
C ASN B 165 -18.17 -1.22 31.85
N SER B 166 -18.18 -0.53 30.71
CA SER B 166 -18.35 0.93 30.65
C SER B 166 -17.41 1.69 31.60
N GLY B 167 -16.30 1.08 32.00
CA GLY B 167 -15.28 1.74 32.78
C GLY B 167 -15.20 1.30 34.24
N ALA B 168 -16.24 0.64 34.75
CA ALA B 168 -16.21 0.20 36.14
C ALA B 168 -15.05 -0.76 36.41
N LEU B 169 -14.64 -1.54 35.40
CA LEU B 169 -13.54 -2.50 35.53
C LEU B 169 -12.25 -1.93 34.95
N THR B 170 -11.32 -1.54 35.83
CA THR B 170 -10.02 -1.01 35.41
C THR B 170 -8.84 -1.84 35.91
N SER B 171 -8.96 -2.52 37.03
CA SER B 171 -7.85 -3.30 37.60
C SER B 171 -7.62 -4.60 36.83
N GLY B 172 -6.36 -4.85 36.47
CA GLY B 172 -5.98 -6.03 35.73
C GLY B 172 -6.15 -5.93 34.23
N VAL B 173 -6.58 -4.79 33.71
CA VAL B 173 -6.80 -4.62 32.29
C VAL B 173 -5.49 -4.29 31.61
N HIS B 174 -5.25 -4.92 30.46
CA HIS B 174 -4.14 -4.58 29.58
C HIS B 174 -4.67 -4.48 28.15
N THR B 175 -4.51 -3.30 27.56
CA THR B 175 -4.82 -3.07 26.16
C THR B 175 -3.49 -2.91 25.45
N PHE B 176 -3.22 -3.76 24.53
CA PHE B 176 -1.91 -3.83 23.92
C PHE B 176 -1.78 -2.89 22.73
N PRO B 177 -0.55 -2.44 22.46
CA PRO B 177 -0.29 -1.69 21.23
C PRO B 177 -0.80 -2.47 20.03
N ALA B 178 -1.34 -1.77 19.04
CA ALA B 178 -1.84 -2.45 17.87
C ALA B 178 -0.68 -2.93 17.01
N VAL B 179 -0.93 -3.97 16.22
CA VAL B 179 0.02 -4.43 15.21
C VAL B 179 -0.57 -4.15 13.84
N LEU B 180 0.31 -3.94 12.86
CA LEU B 180 -0.10 -3.73 11.49
C LEU B 180 0.03 -5.06 10.75
N GLN B 181 -1.11 -5.62 10.34
CA GLN B 181 -1.11 -6.89 9.63
C GLN B 181 -0.67 -6.68 8.18
N SER B 182 -0.23 -7.78 7.55
CA SER B 182 0.17 -7.75 6.14
C SER B 182 -0.94 -7.23 5.23
N SER B 183 -2.18 -7.17 5.69
CA SER B 183 -3.32 -6.68 4.92
C SER B 183 -3.42 -5.16 4.93
N GLY B 184 -2.59 -4.47 5.71
CA GLY B 184 -2.70 -3.04 5.86
C GLY B 184 -3.75 -2.59 6.84
N LEU B 185 -4.33 -3.52 7.60
CA LEU B 185 -5.28 -3.19 8.65
C LEU B 185 -4.68 -3.53 10.01
N TYR B 186 -5.18 -2.85 11.04
CA TYR B 186 -4.63 -3.00 12.38
C TYR B 186 -5.38 -4.06 13.16
N SER B 187 -4.72 -4.56 14.20
CA SER B 187 -5.34 -5.52 15.09
C SER B 187 -4.70 -5.36 16.46
N LEU B 188 -5.52 -5.48 17.50
CA LEU B 188 -5.03 -5.42 18.87
C LEU B 188 -5.93 -6.30 19.72
N SER B 189 -5.47 -6.54 20.94
CA SER B 189 -6.23 -7.30 21.90
C SER B 189 -6.24 -6.55 23.22
N SER B 190 -7.32 -6.72 23.98
CA SER B 190 -7.40 -6.18 25.33
C SER B 190 -7.82 -7.32 26.24
N VAL B 191 -7.10 -7.49 27.35
CA VAL B 191 -7.36 -8.60 28.28
C VAL B 191 -7.45 -8.07 29.70
N VAL B 192 -8.16 -8.82 30.53
CA VAL B 192 -8.26 -8.52 31.96
C VAL B 192 -8.18 -9.84 32.72
N THR B 193 -7.47 -9.83 33.84
CA THR B 193 -7.43 -10.97 34.75
C THR B 193 -8.40 -10.72 35.89
N VAL B 194 -9.21 -11.73 36.21
CA VAL B 194 -10.27 -11.58 37.22
C VAL B 194 -10.41 -12.88 38.00
N PRO B 195 -11.07 -12.83 39.16
CA PRO B 195 -11.22 -14.04 39.98
C PRO B 195 -11.99 -15.14 39.25
N SER B 196 -11.37 -16.32 39.17
CA SER B 196 -11.93 -17.50 38.50
C SER B 196 -13.31 -17.86 39.03
N SER B 197 -13.73 -17.26 40.14
CA SER B 197 -14.99 -17.55 40.82
C SER B 197 -15.93 -16.35 40.66
N SER B 198 -15.93 -15.78 39.47
CA SER B 198 -16.80 -14.70 39.03
C SER B 198 -17.41 -15.04 37.67
N LEU B 199 -16.93 -16.08 37.00
CA LEU B 199 -17.42 -16.59 35.73
C LEU B 199 -18.81 -17.17 35.95
N GLY B 200 -19.81 -16.53 35.34
CA GLY B 200 -21.22 -16.77 35.55
C GLY B 200 -21.87 -15.87 36.57
N THR B 201 -21.08 -15.08 37.30
CA THR B 201 -21.59 -14.22 38.37
C THR B 201 -21.53 -12.77 37.90
N GLN B 202 -20.31 -12.26 37.67
CA GLN B 202 -20.05 -10.97 37.04
C GLN B 202 -20.07 -11.10 35.51
N THR B 203 -20.82 -10.21 34.85
CA THR B 203 -20.83 -10.14 33.39
C THR B 203 -19.67 -9.26 32.94
N TYR B 204 -19.02 -9.65 31.85
CA TYR B 204 -17.90 -8.89 31.30
C TYR B 204 -18.16 -8.51 29.84
N ILE B 205 -18.13 -7.21 29.56
CA ILE B 205 -18.43 -6.66 28.26
C ILE B 205 -17.38 -5.60 27.95
N CYS B 206 -16.60 -5.82 26.89
CA CYS B 206 -15.62 -4.84 26.44
C CYS B 206 -16.30 -3.85 25.49
N ASN B 207 -16.03 -2.57 25.70
CA ASN B 207 -16.61 -1.49 24.91
C ASN B 207 -15.52 -0.94 24.01
N VAL B 208 -15.63 -1.23 22.71
CA VAL B 208 -14.67 -0.77 21.72
C VAL B 208 -15.23 0.47 21.04
N ASN B 209 -14.41 1.51 20.94
CA ASN B 209 -14.75 2.73 20.23
C ASN B 209 -13.70 3.00 19.17
N HIS B 210 -14.14 3.16 17.93
CA HIS B 210 -13.26 3.54 16.83
C HIS B 210 -13.67 4.89 16.25
N LYS B 211 -13.23 5.96 16.90
CA LYS B 211 -13.64 7.31 16.49
C LYS B 211 -13.48 7.55 14.99
N PRO B 212 -12.35 7.20 14.35
CA PRO B 212 -12.19 7.46 12.91
C PRO B 212 -13.30 6.93 12.02
N SER B 213 -13.99 5.86 12.41
CA SER B 213 -15.08 5.33 11.59
C SER B 213 -16.40 5.35 12.33
N ASN B 214 -16.49 6.19 13.37
CA ASN B 214 -17.64 6.35 14.24
C ASN B 214 -18.29 5.02 14.60
N THR B 215 -17.49 3.98 14.78
CA THR B 215 -17.99 2.65 15.11
C THR B 215 -17.81 2.35 16.59
N LYS B 216 -18.89 1.89 17.22
CA LYS B 216 -18.89 1.45 18.60
C LYS B 216 -19.45 0.04 18.67
N VAL B 217 -18.80 -0.82 19.46
CA VAL B 217 -19.16 -2.23 19.53
C VAL B 217 -19.03 -2.70 20.97
N ASP B 218 -20.12 -3.20 21.55
CA ASP B 218 -20.10 -3.83 22.85
C ASP B 218 -20.20 -5.33 22.65
N LYS B 219 -19.38 -6.08 23.39
CA LYS B 219 -19.32 -7.54 23.19
C LYS B 219 -19.23 -8.25 24.53
N LYS B 220 -20.21 -9.11 24.80
CA LYS B 220 -20.19 -9.90 26.04
C LYS B 220 -19.27 -11.09 25.87
N VAL B 221 -18.36 -11.28 26.82
CA VAL B 221 -17.45 -12.42 26.86
C VAL B 221 -17.92 -13.39 27.93
N GLU B 222 -18.39 -14.56 27.52
CA GLU B 222 -18.89 -15.57 28.42
C GLU B 222 -17.98 -16.81 28.41
N PRO B 223 -18.01 -17.61 29.48
CA PRO B 223 -17.20 -18.83 29.51
C PRO B 223 -17.58 -19.83 28.43
N LYS B 224 -16.57 -20.61 28.02
CA LYS B 224 -16.59 -21.82 27.17
C LYS B 224 -15.34 -21.85 26.29
N ASP C 1 32.03 4.28 9.09
CA ASP C 1 33.11 3.33 9.39
C ASP C 1 33.51 3.39 10.87
N VAL C 2 32.91 4.29 11.64
CA VAL C 2 33.04 4.30 13.09
C VAL C 2 31.86 3.56 13.70
N VAL C 3 32.14 2.48 14.41
CA VAL C 3 31.13 1.70 15.13
C VAL C 3 31.01 2.24 16.55
N MET C 4 29.79 2.60 16.94
CA MET C 4 29.51 3.12 18.27
C MET C 4 28.89 2.00 19.09
N THR C 5 29.53 1.64 20.19
CA THR C 5 29.05 0.57 21.04
C THR C 5 28.58 1.19 22.34
N GLN C 6 27.29 1.07 22.61
CA GLN C 6 26.64 1.64 23.78
C GLN C 6 26.47 0.55 24.82
N SER C 7 26.61 0.91 26.08
CA SER C 7 26.49 -0.08 27.13
C SER C 7 25.92 0.53 28.41
N PRO C 8 25.00 -0.16 29.10
CA PRO C 8 24.41 -1.46 28.76
C PRO C 8 23.23 -1.37 27.80
N SER C 9 22.63 -2.51 27.47
CA SER C 9 21.47 -2.50 26.58
C SER C 9 20.22 -2.14 27.37
N THR C 10 20.14 -2.57 28.62
CA THR C 10 19.04 -2.25 29.50
C THR C 10 19.64 -1.85 30.84
N LEU C 11 19.10 -0.79 31.43
CA LEU C 11 19.58 -0.29 32.70
C LEU C 11 18.38 -0.17 33.63
N SER C 12 18.34 -1.03 34.65
CA SER C 12 17.24 -1.06 35.61
C SER C 12 17.64 -0.23 36.82
N ALA C 13 16.78 0.71 37.22
CA ALA C 13 17.13 1.58 38.32
C ALA C 13 15.85 1.99 39.05
N SER C 14 16.00 2.90 40.02
CA SER C 14 14.88 3.38 40.81
C SER C 14 14.84 4.90 40.76
N VAL C 15 13.64 5.46 40.98
CA VAL C 15 13.50 6.91 41.05
C VAL C 15 14.49 7.47 42.06
N GLY C 16 15.14 8.58 41.70
CA GLY C 16 16.08 9.21 42.59
C GLY C 16 17.53 8.82 42.39
N ASP C 17 17.78 7.70 41.71
CA ASP C 17 19.12 7.21 41.50
C ASP C 17 19.94 8.08 40.54
N THR C 18 21.25 7.99 40.69
CA THR C 18 22.20 8.50 39.71
C THR C 18 22.72 7.31 38.91
N ILE C 19 22.55 7.36 37.58
CA ILE C 19 22.92 6.27 36.69
C ILE C 19 23.89 6.78 35.64
N THR C 20 24.64 5.84 35.06
CA THR C 20 25.65 6.14 34.06
C THR C 20 25.48 5.23 32.87
N ILE C 21 25.41 5.83 31.68
CA ILE C 21 25.34 5.09 30.43
C ILE C 21 26.65 5.36 29.69
N THR C 22 27.28 4.29 29.21
CA THR C 22 28.56 4.39 28.54
C THR C 22 28.41 4.21 27.03
N CYS C 23 29.21 4.96 26.27
CA CYS C 23 29.24 4.87 24.82
C CYS C 23 30.71 4.78 24.40
N ARG C 24 31.05 3.79 23.58
CA ARG C 24 32.44 3.63 23.15
C ARG C 24 32.52 3.65 21.63
N ALA C 25 33.54 4.32 21.12
CA ALA C 25 33.78 4.44 19.69
C ALA C 25 34.97 3.59 19.28
N SER C 26 34.85 2.94 18.12
CA SER C 26 35.90 2.09 17.59
C SER C 26 37.17 2.88 17.24
N GLN C 27 37.07 4.20 17.12
CA GLN C 27 38.25 5.05 16.95
C GLN C 27 37.92 6.45 17.46
N SER C 28 38.97 7.24 17.64
CA SER C 28 38.82 8.55 18.25
C SER C 28 37.88 9.44 17.44
N ILE C 29 36.91 10.04 18.11
CA ILE C 29 35.98 10.98 17.50
C ILE C 29 36.03 12.33 18.22
N GLU C 30 37.14 12.60 18.90
CA GLU C 30 37.31 13.83 19.67
C GLU C 30 36.13 14.04 20.60
N THR C 31 35.40 15.16 20.46
CA THR C 31 34.18 15.37 21.24
C THR C 31 32.94 15.48 20.37
N TRP C 32 32.96 14.92 19.15
CA TRP C 32 31.81 14.93 18.25
C TRP C 32 30.81 13.84 18.63
N LEU C 33 30.20 14.01 19.81
CA LEU C 33 29.28 13.02 20.32
C LEU C 33 28.06 13.70 20.92
N ALA C 34 26.88 13.16 20.60
CA ALA C 34 25.61 13.71 21.05
C ALA C 34 24.80 12.61 21.75
N TRP C 35 23.96 13.03 22.68
CA TRP C 35 23.03 12.12 23.37
C TRP C 35 21.60 12.54 23.11
N TYR C 36 20.75 11.54 22.85
CA TYR C 36 19.34 11.76 22.57
C TYR C 36 18.47 10.94 23.51
N GLN C 37 17.30 11.48 23.81
CA GLN C 37 16.28 10.76 24.57
C GLN C 37 15.14 10.47 23.60
N GLN C 38 14.55 9.29 23.72
CA GLN C 38 13.41 8.94 22.88
C GLN C 38 12.39 8.15 23.69
N LYS C 39 11.16 8.57 23.63
CA LYS C 39 10.13 7.80 24.28
C LYS C 39 9.37 6.96 23.23
N PRO C 40 8.77 5.85 23.63
CA PRO C 40 8.07 4.99 22.66
C PRO C 40 7.11 5.76 21.77
N GLY C 41 7.28 5.59 20.45
CA GLY C 41 6.37 6.21 19.51
C GLY C 41 6.51 7.72 19.39
N LYS C 42 7.55 8.30 20.00
CA LYS C 42 7.79 9.73 19.94
C LYS C 42 9.09 10.00 19.20
N ALA C 43 9.30 11.26 18.83
CA ALA C 43 10.52 11.62 18.13
C ALA C 43 11.69 11.75 19.11
N PRO C 44 12.91 11.47 18.64
CA PRO C 44 14.09 11.69 19.49
C PRO C 44 14.18 13.15 19.93
N LYS C 45 14.76 13.35 21.11
CA LYS C 45 14.97 14.66 21.68
C LYS C 45 16.46 14.82 21.99
N LEU C 46 17.06 15.86 21.44
CA LEU C 46 18.47 16.14 21.69
C LEU C 46 18.68 16.60 23.13
N LEU C 47 19.57 15.94 23.85
CA LEU C 47 19.89 16.31 25.22
C LEU C 47 21.25 16.99 25.35
N ILE C 48 22.29 16.37 24.83
CA ILE C 48 23.66 16.83 25.00
C ILE C 48 24.38 16.70 23.67
N TYR C 49 25.19 17.70 23.33
CA TYR C 49 26.03 17.63 22.15
C TYR C 49 27.42 18.11 22.49
N LYS C 50 28.34 17.94 21.54
CA LYS C 50 29.76 18.21 21.76
C LYS C 50 30.23 17.51 23.04
N ALA C 51 29.68 16.31 23.27
CA ALA C 51 30.03 15.42 24.37
C ALA C 51 29.53 15.91 25.72
N SER C 52 29.55 17.23 25.96
CA SER C 52 29.28 17.75 27.30
C SER C 52 28.43 19.02 27.34
N THR C 53 28.01 19.57 26.20
CA THR C 53 27.18 20.77 26.16
C THR C 53 25.70 20.41 26.22
N LEU C 54 24.99 20.96 27.21
CA LEU C 54 23.55 20.77 27.34
C LEU C 54 22.78 21.70 26.40
N LYS C 55 21.76 21.15 25.72
CA LYS C 55 20.84 22.03 25.01
C LYS C 55 20.08 22.91 25.99
N THR C 56 19.75 24.12 25.54
CA THR C 56 18.90 25.01 26.32
C THR C 56 17.59 24.29 26.63
N GLY C 57 17.15 24.38 27.88
CA GLY C 57 15.90 23.79 28.29
C GLY C 57 16.00 22.38 28.83
N VAL C 58 17.19 21.79 28.79
CA VAL C 58 17.42 20.44 29.27
C VAL C 58 17.83 20.52 30.73
N PRO C 59 17.13 19.88 31.65
CA PRO C 59 17.45 20.01 33.07
C PRO C 59 18.89 19.60 33.37
N SER C 60 19.44 20.24 34.39
CA SER C 60 20.85 20.08 34.77
C SER C 60 21.18 18.71 35.33
N ARG C 61 20.18 17.87 35.60
CA ARG C 61 20.50 16.53 36.07
C ARG C 61 21.14 15.69 34.97
N PHE C 62 21.04 16.12 33.72
CA PHE C 62 21.71 15.44 32.62
C PHE C 62 23.11 16.05 32.46
N SER C 63 24.12 15.19 32.34
CA SER C 63 25.47 15.66 32.02
C SER C 63 26.19 14.62 31.18
N GLY C 64 27.21 15.06 30.48
CA GLY C 64 27.99 14.18 29.63
C GLY C 64 29.46 14.51 29.75
N SER C 65 30.29 13.49 29.57
CA SER C 65 31.72 13.68 29.64
C SER C 65 32.41 12.67 28.72
N GLY C 66 33.71 12.84 28.57
CA GLY C 66 34.49 11.90 27.78
C GLY C 66 35.08 12.57 26.55
N SER C 67 36.10 11.93 25.97
CA SER C 67 36.64 12.35 24.69
C SER C 67 37.39 11.17 24.10
N GLY C 68 37.67 11.25 22.80
CA GLY C 68 38.39 10.16 22.15
C GLY C 68 37.49 8.99 21.84
N THR C 69 37.53 7.95 22.68
CA THR C 69 36.78 6.74 22.43
C THR C 69 35.79 6.36 23.53
N GLU C 70 35.89 6.96 24.72
CA GLU C 70 35.01 6.61 25.84
C GLU C 70 34.22 7.82 26.31
N PHE C 71 32.90 7.71 26.27
CA PHE C 71 31.97 8.77 26.62
C PHE C 71 30.96 8.26 27.64
N THR C 72 30.48 9.18 28.49
CA THR C 72 29.52 8.84 29.51
C THR C 72 28.36 9.83 29.56
N LEU C 73 27.14 9.30 29.61
CA LEU C 73 25.95 10.08 29.91
C LEU C 73 25.55 9.76 31.35
N THR C 74 25.39 10.80 32.17
CA THR C 74 24.97 10.65 33.55
C THR C 74 23.64 11.35 33.77
N ILE C 75 22.75 10.70 34.51
CA ILE C 75 21.49 11.30 34.96
C ILE C 75 21.53 11.24 36.48
N SER C 76 21.65 12.42 37.12
CA SER C 76 21.78 12.53 38.57
C SER C 76 20.42 12.83 39.19
N GLY C 77 19.79 11.81 39.78
CA GLY C 77 18.48 11.99 40.38
C GLY C 77 17.38 11.65 39.41
N LEU C 78 17.31 10.38 39.04
CA LEU C 78 16.31 9.87 38.10
C LEU C 78 14.90 10.24 38.52
N GLN C 79 14.15 10.87 37.60
CA GLN C 79 12.73 11.12 37.78
C GLN C 79 11.91 10.23 36.85
N PHE C 80 10.60 10.16 37.13
CA PHE C 80 9.70 9.30 36.36
C PHE C 80 9.76 9.64 34.87
N ASP C 81 9.81 10.93 34.55
CA ASP C 81 9.84 11.37 33.15
C ASP C 81 11.08 10.89 32.42
N ASP C 82 12.11 10.45 33.13
CA ASP C 82 13.38 10.07 32.53
C ASP C 82 13.45 8.62 32.08
N PHE C 83 12.51 7.77 32.47
CA PHE C 83 12.54 6.39 32.00
C PHE C 83 12.15 6.36 30.53
N ALA C 84 13.09 5.91 29.70
CA ALA C 84 13.03 6.08 28.26
C ALA C 84 14.25 5.41 27.63
N THR C 85 14.37 5.50 26.32
CA THR C 85 15.57 5.04 25.63
C THR C 85 16.50 6.21 25.38
N TYR C 86 17.79 6.00 25.61
CA TYR C 86 18.85 6.97 25.31
C TYR C 86 19.77 6.46 24.21
N HIS C 87 20.10 7.35 23.27
CA HIS C 87 20.91 7.01 22.11
C HIS C 87 22.17 7.86 22.05
N CYS C 88 23.32 7.22 21.90
CA CYS C 88 24.48 8.05 21.61
C CYS C 88 24.69 8.12 20.10
N GLN C 89 25.44 9.14 19.67
CA GLN C 89 25.59 9.41 18.24
C GLN C 89 26.90 10.12 17.95
N HIS C 90 27.70 9.56 17.06
CA HIS C 90 28.82 10.31 16.48
C HIS C 90 28.25 11.08 15.30
N TYR C 91 28.42 12.40 15.29
CA TYR C 91 27.97 13.20 14.16
C TYR C 91 29.16 13.87 13.49
N ALA C 92 29.25 13.70 12.18
CA ALA C 92 30.26 14.35 11.36
C ALA C 92 29.54 15.31 10.43
N GLY C 93 30.32 16.08 9.67
CA GLY C 93 29.74 17.13 8.82
C GLY C 93 28.61 16.65 7.93
N TYR C 94 28.75 15.44 7.37
CA TYR C 94 27.79 14.98 6.36
C TYR C 94 27.35 13.54 6.58
N SER C 95 27.59 12.97 7.77
CA SER C 95 27.12 11.63 8.09
C SER C 95 27.09 11.48 9.59
N ALA C 96 26.49 10.37 10.04
CA ALA C 96 26.44 10.07 11.47
C ALA C 96 26.32 8.57 11.67
N THR C 97 26.60 8.14 12.90
CA THR C 97 26.36 6.77 13.33
C THR C 97 25.83 6.77 14.76
N PHE C 98 24.93 5.84 15.05
CA PHE C 98 24.31 5.75 16.36
C PHE C 98 24.75 4.47 17.07
N GLY C 99 24.76 4.52 18.41
CA GLY C 99 24.89 3.32 19.20
C GLY C 99 23.60 2.52 19.16
N GLN C 100 23.65 1.31 19.75
CA GLN C 100 22.49 0.43 19.67
C GLN C 100 21.32 0.95 20.50
N GLY C 101 21.58 1.87 21.42
CA GLY C 101 20.53 2.38 22.29
C GLY C 101 20.51 1.68 23.63
N THR C 102 20.07 2.42 24.65
CA THR C 102 20.01 1.93 26.03
C THR C 102 18.62 2.23 26.58
N ARG C 103 17.90 1.18 26.96
CA ARG C 103 16.58 1.34 27.55
C ARG C 103 16.72 1.43 29.07
N VAL C 104 16.21 2.51 29.67
CA VAL C 104 16.23 2.72 31.11
C VAL C 104 14.84 2.46 31.67
N GLU C 105 14.74 1.52 32.60
CA GLU C 105 13.46 1.08 33.14
C GLU C 105 13.50 1.08 34.67
N ILE C 106 12.33 0.93 35.28
CA ILE C 106 12.24 0.84 36.74
C ILE C 106 12.60 -0.57 37.19
N LYS C 107 13.53 -0.66 38.13
CA LYS C 107 13.96 -1.95 38.67
C LYS C 107 12.92 -2.52 39.64
N ARG C 108 12.69 -3.82 39.52
CA ARG C 108 11.91 -4.58 40.49
C ARG C 108 12.41 -6.02 40.48
N THR C 109 11.78 -6.85 41.32
CA THR C 109 12.19 -8.25 41.40
C THR C 109 11.71 -9.02 40.18
N VAL C 110 12.44 -10.08 39.84
CA VAL C 110 12.04 -10.97 38.75
C VAL C 110 10.62 -11.48 39.02
N ALA C 111 9.83 -11.59 37.95
CA ALA C 111 8.49 -12.14 38.05
C ALA C 111 8.19 -12.97 36.82
N ALA C 112 7.86 -14.24 37.01
CA ALA C 112 7.50 -15.10 35.91
C ALA C 112 6.15 -14.70 35.33
N PRO C 113 5.97 -14.89 34.02
CA PRO C 113 4.67 -14.57 33.41
C PRO C 113 3.60 -15.59 33.78
N SER C 114 2.37 -15.11 33.84
CA SER C 114 1.22 -16.00 33.77
C SER C 114 0.89 -16.18 32.29
N VAL C 115 0.66 -17.43 31.88
CA VAL C 115 0.44 -17.71 30.46
C VAL C 115 -0.97 -18.21 30.23
N PHE C 116 -1.61 -17.70 29.18
CA PHE C 116 -2.96 -18.07 28.79
C PHE C 116 -3.00 -18.24 27.28
N ILE C 117 -3.82 -19.19 26.81
CA ILE C 117 -4.03 -19.40 25.38
C ILE C 117 -5.51 -19.32 25.08
N PHE C 118 -5.87 -18.72 23.95
CA PHE C 118 -7.27 -18.55 23.56
C PHE C 118 -7.50 -19.12 22.17
N PRO C 119 -8.34 -20.15 22.03
CA PRO C 119 -8.70 -20.65 20.69
C PRO C 119 -9.47 -19.59 19.91
N PRO C 120 -9.52 -19.72 18.58
CA PRO C 120 -10.38 -18.84 17.78
C PRO C 120 -11.83 -18.93 18.21
N SER C 121 -12.52 -17.81 18.19
CA SER C 121 -13.96 -17.83 18.41
C SER C 121 -14.67 -18.48 17.23
N ASP C 122 -15.81 -19.12 17.52
CA ASP C 122 -16.57 -19.78 16.46
C ASP C 122 -16.99 -18.78 15.40
N GLU C 123 -17.37 -17.57 15.82
CA GLU C 123 -17.77 -16.51 14.90
C GLU C 123 -16.68 -16.21 13.88
N GLN C 124 -15.45 -15.97 14.37
CA GLN C 124 -14.34 -15.68 13.46
C GLN C 124 -14.11 -16.84 12.50
N LEU C 125 -14.12 -18.08 13.03
CA LEU C 125 -13.90 -19.26 12.20
C LEU C 125 -14.85 -19.26 11.00
N LYS C 126 -16.09 -18.84 11.24
CA LYS C 126 -17.11 -18.87 10.20
C LYS C 126 -16.74 -17.98 9.02
N SER C 127 -15.99 -16.91 9.27
CA SER C 127 -15.63 -15.96 8.21
C SER C 127 -14.37 -16.35 7.45
N GLY C 128 -13.71 -17.46 7.81
CA GLY C 128 -12.61 -17.98 7.04
C GLY C 128 -11.24 -17.79 7.67
N THR C 129 -11.14 -17.18 8.84
CA THR C 129 -9.85 -16.88 9.45
C THR C 129 -9.85 -17.36 10.90
N ALA C 130 -8.65 -17.70 11.39
CA ALA C 130 -8.44 -18.27 12.70
C ALA C 130 -7.28 -17.55 13.39
N SER C 131 -7.57 -16.70 14.36
CA SER C 131 -6.52 -16.06 15.15
C SER C 131 -6.45 -16.75 16.51
N VAL C 132 -5.27 -17.25 16.85
CA VAL C 132 -4.99 -17.85 18.16
C VAL C 132 -4.13 -16.86 18.95
N VAL C 133 -4.49 -16.63 20.21
CA VAL C 133 -3.82 -15.62 21.02
C VAL C 133 -3.15 -16.28 22.21
N CYS C 134 -1.93 -15.87 22.50
CA CYS C 134 -1.17 -16.30 23.67
C CYS C 134 -0.88 -15.06 24.50
N LEU C 135 -1.20 -15.11 25.79
CA LEU C 135 -1.01 -13.97 26.68
C LEU C 135 0.06 -14.29 27.72
N LEU C 136 1.09 -13.44 27.80
CA LEU C 136 2.08 -13.47 28.86
C LEU C 136 1.81 -12.27 29.77
N ASN C 137 1.35 -12.52 30.99
CA ASN C 137 0.83 -11.49 31.86
C ASN C 137 1.78 -11.15 33.01
N ASN C 138 2.10 -9.86 33.14
CA ASN C 138 2.81 -9.30 34.30
C ASN C 138 4.13 -10.01 34.61
N PHE C 139 5.08 -9.91 33.69
CA PHE C 139 6.39 -10.50 33.90
C PHE C 139 7.48 -9.42 33.92
N TYR C 140 8.64 -9.80 34.46
CA TYR C 140 9.80 -8.91 34.53
C TYR C 140 11.07 -9.72 34.66
N PRO C 141 12.17 -9.39 33.95
CA PRO C 141 12.34 -8.23 33.05
C PRO C 141 11.69 -8.46 31.68
N ARG C 142 11.91 -7.54 30.74
CA ARG C 142 11.12 -7.49 29.52
C ARG C 142 11.43 -8.62 28.54
N GLU C 143 12.63 -9.19 28.59
CA GLU C 143 13.00 -10.23 27.62
C GLU C 143 12.21 -11.50 27.88
N ALA C 144 11.48 -11.93 26.85
CA ALA C 144 10.66 -13.12 26.87
C ALA C 144 10.58 -13.64 25.45
N LYS C 145 10.36 -14.95 25.32
CA LYS C 145 10.24 -15.56 24.02
C LYS C 145 8.95 -16.34 23.98
N VAL C 146 8.26 -16.26 22.85
CA VAL C 146 7.05 -17.02 22.62
C VAL C 146 7.30 -17.89 21.41
N GLN C 147 7.03 -19.18 21.56
CA GLN C 147 7.15 -20.11 20.46
C GLN C 147 5.82 -20.81 20.23
N TRP C 148 5.30 -20.70 19.02
CA TRP C 148 4.09 -21.42 18.66
C TRP C 148 4.45 -22.79 18.10
N LYS C 149 3.74 -23.81 18.56
CA LYS C 149 3.87 -25.14 18.01
C LYS C 149 2.49 -25.59 17.55
N VAL C 150 2.42 -26.15 16.35
CA VAL C 150 1.19 -26.71 15.83
C VAL C 150 1.47 -28.17 15.54
N ASP C 151 0.73 -29.06 16.22
CA ASP C 151 1.04 -30.48 16.26
C ASP C 151 2.54 -30.69 16.42
N ASN C 152 3.17 -29.91 17.30
CA ASN C 152 4.56 -30.06 17.72
C ASN C 152 5.52 -29.61 16.62
N ALA C 153 4.99 -28.94 15.59
CA ALA C 153 5.80 -28.34 14.53
C ALA C 153 5.92 -26.83 14.75
N LEU C 154 7.15 -26.37 14.95
CA LEU C 154 7.43 -24.97 15.19
C LEU C 154 6.92 -24.07 14.06
N GLN C 155 6.30 -22.96 14.43
CA GLN C 155 5.75 -22.04 13.44
C GLN C 155 6.75 -20.92 13.19
N SER C 156 6.60 -20.25 12.04
CA SER C 156 7.41 -19.06 11.77
C SER C 156 6.77 -18.25 10.67
N GLY C 157 6.90 -16.92 10.77
CA GLY C 157 6.38 -16.02 9.75
C GLY C 157 4.89 -15.76 9.78
N ASN C 158 4.14 -16.43 10.66
CA ASN C 158 2.69 -16.29 10.71
C ASN C 158 2.16 -15.78 12.06
N SER C 159 3.01 -15.15 12.87
CA SER C 159 2.58 -14.62 14.15
C SER C 159 3.13 -13.21 14.34
N GLN C 160 2.38 -12.39 15.05
CA GLN C 160 2.85 -11.07 15.47
C GLN C 160 2.60 -10.88 16.96
N GLU C 161 3.34 -9.94 17.54
CA GLU C 161 3.21 -9.65 18.96
C GLU C 161 3.43 -8.18 19.23
N SER C 162 2.92 -7.72 20.37
CA SER C 162 3.18 -6.38 20.87
C SER C 162 3.27 -6.43 22.39
N VAL C 163 4.01 -5.48 22.96
CA VAL C 163 4.31 -5.49 24.40
C VAL C 163 3.86 -4.17 25.01
N THR C 164 3.29 -4.26 26.21
CA THR C 164 2.85 -3.05 26.91
C THR C 164 4.05 -2.35 27.54
N GLU C 165 3.88 -1.06 27.82
CA GLU C 165 4.87 -0.37 28.62
C GLU C 165 4.82 -0.80 30.07
N GLN C 166 5.92 -0.52 30.77
CA GLN C 166 6.05 -0.91 32.16
C GLN C 166 4.84 -0.39 32.95
N ASP C 167 4.20 -1.29 33.70
CA ASP C 167 2.98 -0.98 34.44
C ASP C 167 3.20 0.10 35.48
N SER C 168 2.22 1.01 35.58
CA SER C 168 2.34 2.13 36.52
C SER C 168 2.41 1.63 37.97
N LYS C 169 1.75 0.53 38.29
CA LYS C 169 1.64 0.12 39.68
C LYS C 169 2.63 -0.95 40.08
N ASP C 170 2.84 -2.00 39.26
CA ASP C 170 3.82 -3.03 39.63
C ASP C 170 5.03 -3.09 38.72
N SER C 171 5.18 -2.16 37.78
CA SER C 171 6.35 -2.08 36.91
C SER C 171 6.62 -3.35 36.09
N THR C 172 5.61 -4.14 35.81
CA THR C 172 5.80 -5.36 35.03
C THR C 172 5.48 -5.09 33.56
N TYR C 173 5.73 -6.07 32.73
CA TYR C 173 5.36 -6.01 31.33
C TYR C 173 4.38 -7.13 31.01
N SER C 174 3.66 -6.95 29.92
CA SER C 174 2.81 -8.01 29.40
C SER C 174 2.99 -8.08 27.90
N LEU C 175 2.71 -9.27 27.35
CA LEU C 175 2.90 -9.49 25.93
C LEU C 175 1.73 -10.28 25.36
N SER C 176 1.34 -9.94 24.14
CA SER C 176 0.26 -10.61 23.43
C SER C 176 0.84 -11.06 22.10
N SER C 177 0.65 -12.33 21.77
CA SER C 177 1.08 -12.86 20.48
C SER C 177 -0.13 -13.44 19.78
N THR C 178 -0.28 -13.12 18.50
CA THR C 178 -1.39 -13.65 17.70
C THR C 178 -0.85 -14.51 16.56
N LEU C 179 -1.24 -15.78 16.57
CA LEU C 179 -0.98 -16.68 15.45
C LEU C 179 -2.19 -16.66 14.54
N THR C 180 -1.98 -16.41 13.26
CA THR C 180 -3.10 -16.30 12.32
C THR C 180 -2.98 -17.33 11.20
N LEU C 181 -4.03 -18.12 11.03
CA LEU C 181 -4.11 -19.13 9.98
C LEU C 181 -5.47 -19.04 9.32
N SER C 182 -5.53 -19.53 8.08
CA SER C 182 -6.80 -19.67 7.39
C SER C 182 -7.61 -20.78 8.04
N LYS C 183 -8.93 -20.71 7.87
CA LYS C 183 -9.78 -21.78 8.38
C LYS C 183 -9.31 -23.13 7.86
N ALA C 184 -8.83 -23.16 6.62
CA ALA C 184 -8.42 -24.42 6.02
C ALA C 184 -7.22 -25.02 6.77
N ASP C 185 -6.16 -24.23 6.94
CA ASP C 185 -4.98 -24.72 7.67
C ASP C 185 -5.32 -25.06 9.11
N TYR C 186 -6.12 -24.21 9.77
CA TYR C 186 -6.45 -24.45 11.18
C TYR C 186 -7.06 -25.82 11.41
N GLU C 187 -7.99 -26.24 10.55
CA GLU C 187 -8.65 -27.53 10.68
C GLU C 187 -7.80 -28.72 10.23
N LYS C 188 -6.65 -28.49 9.59
CA LYS C 188 -5.76 -29.59 9.26
C LYS C 188 -5.05 -30.16 10.49
N HIS C 189 -5.03 -29.41 11.60
CA HIS C 189 -4.22 -29.77 12.76
C HIS C 189 -5.08 -29.76 14.02
N LYS C 190 -4.62 -30.45 15.06
CA LYS C 190 -5.39 -30.63 16.29
C LYS C 190 -4.84 -29.89 17.51
N VAL C 191 -3.53 -29.98 17.76
CA VAL C 191 -2.93 -29.45 18.98
C VAL C 191 -2.22 -28.13 18.69
N TYR C 192 -2.66 -27.07 19.36
CA TYR C 192 -2.03 -25.76 19.22
C TYR C 192 -1.40 -25.40 20.56
N ALA C 193 -0.12 -25.03 20.54
CA ALA C 193 0.60 -24.77 21.78
C ALA C 193 1.46 -23.53 21.63
N CYS C 194 1.53 -22.75 22.71
CA CYS C 194 2.48 -21.65 22.81
C CYS C 194 3.40 -21.91 23.98
N GLU C 195 4.70 -21.82 23.71
CA GLU C 195 5.74 -22.20 24.66
C GLU C 195 6.52 -20.94 25.02
N VAL C 196 6.61 -20.64 26.31
CA VAL C 196 7.11 -19.36 26.80
C VAL C 196 8.42 -19.56 27.55
N THR C 197 9.44 -18.79 27.18
CA THR C 197 10.74 -18.80 27.82
C THR C 197 10.97 -17.44 28.47
N HIS C 198 11.37 -17.45 29.74
CA HIS C 198 11.55 -16.22 30.51
C HIS C 198 12.40 -16.52 31.74
N GLN C 199 13.25 -15.56 32.10
CA GLN C 199 14.22 -15.74 33.18
C GLN C 199 13.57 -16.14 34.50
N GLY C 200 12.26 -15.92 34.64
CA GLY C 200 11.54 -16.24 35.86
C GLY C 200 11.09 -17.68 35.99
N LEU C 201 11.19 -18.46 34.92
CA LEU C 201 10.77 -19.85 34.92
C LEU C 201 11.97 -20.77 35.07
N SER C 202 11.74 -21.89 35.78
CA SER C 202 12.81 -22.87 35.93
C SER C 202 13.04 -23.61 34.62
N SER C 203 12.05 -23.58 33.74
CA SER C 203 12.12 -24.14 32.39
C SER C 203 10.91 -23.62 31.63
N PRO C 204 10.86 -23.78 30.30
CA PRO C 204 9.75 -23.25 29.51
C PRO C 204 8.38 -23.81 29.90
N VAL C 205 7.39 -22.94 29.89
CA VAL C 205 6.00 -23.31 30.18
C VAL C 205 5.29 -23.42 28.84
N THR C 206 4.42 -24.42 28.70
CA THR C 206 3.59 -24.60 27.53
C THR C 206 2.13 -24.60 27.91
N LYS C 207 1.32 -23.83 27.17
CA LYS C 207 -0.12 -23.86 27.28
C LYS C 207 -0.67 -24.31 25.92
N SER C 208 -1.62 -25.24 25.94
CA SER C 208 -2.14 -25.81 24.71
C SER C 208 -3.63 -26.11 24.83
N PHE C 209 -4.25 -26.33 23.67
CA PHE C 209 -5.61 -26.81 23.59
C PHE C 209 -5.73 -27.69 22.36
N ASN C 210 -6.70 -28.59 22.39
CA ASN C 210 -7.02 -29.43 21.24
C ASN C 210 -8.25 -28.86 20.54
N ARG C 211 -8.13 -28.66 19.22
CA ARG C 211 -9.23 -28.07 18.46
C ARG C 211 -10.50 -28.91 18.64
N GLY C 212 -11.62 -28.23 18.82
CA GLY C 212 -12.89 -28.93 19.00
C GLY C 212 -13.35 -29.06 20.44
N GLU C 213 -12.44 -29.38 21.36
CA GLU C 213 -12.77 -29.49 22.78
C GLU C 213 -13.04 -28.14 23.43
N GLU D 1 7.79 27.44 17.39
CA GLU D 1 8.35 26.10 17.56
C GLU D 1 8.56 25.38 16.22
N VAL D 2 9.82 25.00 15.98
CA VAL D 2 10.22 24.34 14.75
C VAL D 2 9.55 22.97 14.64
N GLN D 3 9.03 22.66 13.45
CA GLN D 3 8.38 21.36 13.23
C GLN D 3 8.73 20.79 11.87
N LEU D 4 8.78 19.46 11.83
CA LEU D 4 8.98 18.67 10.61
C LEU D 4 7.89 17.61 10.56
N VAL D 5 7.38 17.29 9.37
CA VAL D 5 6.36 16.26 9.24
C VAL D 5 6.63 15.38 8.01
N GLU D 6 6.76 14.07 8.22
CA GLU D 6 7.00 13.11 7.14
C GLU D 6 5.70 12.68 6.47
N SER D 7 5.80 12.30 5.20
CA SER D 7 4.69 11.75 4.42
C SER D 7 5.18 10.59 3.56
N GLY D 8 4.27 9.65 3.28
CA GLY D 8 4.56 8.58 2.35
C GLY D 8 4.70 7.18 2.90
N GLY D 9 4.80 6.98 4.20
CA GLY D 9 4.89 5.64 4.73
C GLY D 9 3.73 4.75 4.32
N GLY D 10 3.98 3.44 4.43
CA GLY D 10 2.96 2.46 4.12
C GLY D 10 3.57 1.06 4.07
N LEU D 11 2.80 0.14 3.50
CA LEU D 11 3.23 -1.24 3.29
C LEU D 11 3.82 -1.43 1.89
N VAL D 12 5.00 -2.04 1.82
CA VAL D 12 5.65 -2.31 0.55
C VAL D 12 6.05 -3.77 0.49
N LYS D 13 5.94 -4.37 -0.69
CA LYS D 13 6.40 -5.72 -0.90
C LYS D 13 7.91 -5.68 -1.12
N ALA D 14 8.61 -6.70 -0.62
CA ALA D 14 10.05 -6.76 -0.85
C ALA D 14 10.35 -6.64 -2.33
N GLY D 15 11.39 -5.86 -2.66
CA GLY D 15 11.72 -5.51 -4.02
C GLY D 15 11.04 -4.26 -4.52
N GLY D 16 9.98 -3.83 -3.85
CA GLY D 16 9.17 -2.70 -4.24
C GLY D 16 9.87 -1.37 -4.03
N SER D 17 9.13 -0.30 -4.37
CA SER D 17 9.62 1.06 -4.22
C SER D 17 8.64 1.87 -3.37
N LEU D 18 9.18 2.81 -2.59
CA LEU D 18 8.40 3.73 -1.80
C LEU D 18 9.18 5.03 -1.69
N ILE D 19 8.50 6.16 -1.83
CA ILE D 19 9.11 7.48 -1.72
C ILE D 19 8.52 8.25 -0.55
N LEU D 20 9.38 8.84 0.27
CA LEU D 20 8.97 9.66 1.39
C LEU D 20 9.23 11.13 1.09
N SER D 21 8.44 12.01 1.70
CA SER D 21 8.70 13.44 1.67
C SER D 21 8.76 13.96 3.09
N CYS D 22 9.31 15.16 3.23
CA CYS D 22 9.43 15.82 4.52
C CYS D 22 9.13 17.30 4.34
N GLY D 23 8.19 17.83 5.13
CA GLY D 23 7.85 19.23 5.10
C GLY D 23 8.15 19.88 6.44
N VAL D 24 8.27 21.22 6.46
CA VAL D 24 8.67 21.90 7.69
C VAL D 24 7.72 23.05 8.01
N SER D 25 7.83 23.53 9.24
CA SER D 25 7.10 24.72 9.67
C SER D 25 8.03 25.61 10.50
N ASN D 26 7.97 26.91 10.27
CA ASN D 26 8.61 27.93 11.10
C ASN D 26 10.13 27.98 10.92
N PHE D 27 10.68 27.43 9.84
CA PHE D 27 12.05 27.73 9.44
C PHE D 27 12.23 27.36 7.98
N ARG D 28 13.32 27.87 7.40
CA ARG D 28 13.71 27.51 6.03
C ARG D 28 14.86 26.51 6.06
N ILE D 29 14.75 25.46 5.25
CA ILE D 29 15.79 24.44 5.20
C ILE D 29 17.08 24.86 4.50
N SER D 30 17.06 25.95 3.71
CA SER D 30 18.18 26.27 2.82
C SER D 30 19.52 26.25 3.56
N ALA D 31 19.58 26.78 4.78
CA ALA D 31 20.85 26.82 5.51
C ALA D 31 21.18 25.52 6.22
N HIS D 32 20.32 24.50 6.17
CA HIS D 32 20.50 23.28 6.95
C HIS D 32 20.82 22.05 6.10
N THR D 33 21.79 21.26 6.57
CA THR D 33 21.94 19.91 6.06
C THR D 33 20.76 19.10 6.56
N MET D 34 20.12 18.33 5.67
CA MET D 34 18.93 17.60 6.07
C MET D 34 19.25 16.11 6.04
N ASN D 35 18.61 15.35 6.92
CA ASN D 35 18.97 13.97 7.14
C ASN D 35 17.74 13.07 7.21
N TRP D 36 17.94 11.79 6.88
CA TRP D 36 16.95 10.76 7.12
C TRP D 36 17.51 9.75 8.11
N VAL D 37 16.70 9.38 9.10
CA VAL D 37 17.09 8.44 10.14
C VAL D 37 15.92 7.49 10.36
N ARG D 38 16.22 6.24 10.73
CA ARG D 38 15.17 5.26 10.95
C ARG D 38 15.39 4.50 12.26
N ARG D 39 14.29 4.18 12.94
CA ARG D 39 14.34 3.35 14.13
C ARG D 39 13.83 1.96 13.74
N VAL D 40 14.70 0.96 13.85
CA VAL D 40 14.35 -0.41 13.46
C VAL D 40 13.61 -1.10 14.60
N PRO D 41 12.90 -2.21 14.35
CA PRO D 41 12.09 -2.83 15.41
C PRO D 41 12.83 -3.07 16.72
N GLY D 42 14.11 -3.47 16.65
CA GLY D 42 14.91 -3.68 17.85
C GLY D 42 15.11 -2.46 18.71
N GLY D 43 14.75 -1.28 18.24
CA GLY D 43 14.75 -0.06 19.03
C GLY D 43 15.91 0.88 18.74
N GLY D 44 16.95 0.43 18.05
CA GLY D 44 18.07 1.30 17.76
C GLY D 44 17.81 2.22 16.58
N LEU D 45 18.51 3.36 16.57
CA LEU D 45 18.47 4.30 15.47
C LEU D 45 19.57 4.01 14.46
N GLU D 46 19.26 4.26 13.18
CA GLU D 46 20.21 4.10 12.09
C GLU D 46 20.20 5.34 11.19
N TRP D 47 21.36 5.98 11.03
CA TRP D 47 21.47 7.05 10.05
C TRP D 47 21.32 6.45 8.65
N VAL D 48 20.48 7.07 7.82
CA VAL D 48 20.16 6.54 6.50
C VAL D 48 20.80 7.35 5.38
N ALA D 49 20.58 8.66 5.38
CA ALA D 49 21.11 9.50 4.32
C ALA D 49 21.18 10.94 4.79
N SER D 50 22.08 11.69 4.18
CA SER D 50 22.21 13.12 4.47
C SER D 50 22.41 13.87 3.17
N ILE D 51 21.86 15.08 3.11
CA ILE D 51 22.05 15.97 1.96
C ILE D 51 22.42 17.36 2.47
N SER D 52 23.58 17.85 2.03
CA SER D 52 24.12 19.11 2.52
C SER D 52 23.35 20.29 1.92
N THR D 53 23.67 21.49 2.40
CA THR D 53 23.14 22.70 1.78
C THR D 53 23.56 22.72 0.31
N SER D 54 22.71 23.31 -0.53
CA SER D 54 22.98 23.45 -1.97
C SER D 54 23.07 22.11 -2.69
N SER D 55 22.82 21.00 -2.00
CA SER D 55 22.94 19.65 -2.54
C SER D 55 24.38 19.34 -2.98
N THR D 56 25.35 20.05 -2.42
CA THR D 56 26.75 19.80 -2.76
C THR D 56 27.18 18.38 -2.44
N TYR D 57 26.77 17.84 -1.29
CA TYR D 57 27.15 16.49 -0.90
C TYR D 57 25.92 15.67 -0.52
N ARG D 58 25.85 14.44 -1.02
CA ARG D 58 24.85 13.47 -0.60
C ARG D 58 25.60 12.25 -0.11
N ASP D 59 25.26 11.78 1.10
CA ASP D 59 25.94 10.63 1.65
C ASP D 59 24.89 9.65 2.18
N TYR D 60 25.25 8.36 2.17
CA TYR D 60 24.30 7.30 2.46
C TYR D 60 24.91 6.24 3.36
N ALA D 61 24.07 5.66 4.22
CA ALA D 61 24.46 4.45 4.94
C ALA D 61 24.83 3.36 3.94
N ASP D 62 25.91 2.63 4.24
CA ASP D 62 26.32 1.54 3.37
C ASP D 62 25.17 0.59 3.05
N ALA D 63 24.30 0.30 4.03
CA ALA D 63 23.21 -0.64 3.80
C ALA D 63 22.25 -0.20 2.70
N VAL D 64 22.22 1.10 2.37
CA VAL D 64 21.26 1.61 1.41
C VAL D 64 21.93 2.25 0.21
N LYS D 65 23.25 2.42 0.23
CA LYS D 65 23.97 2.99 -0.88
C LYS D 65 23.59 2.26 -2.16
N GLY D 66 23.22 3.01 -3.19
CA GLY D 66 22.84 2.43 -4.45
C GLY D 66 21.36 2.15 -4.59
N ARG D 67 20.62 2.11 -3.49
CA ARG D 67 19.18 1.82 -3.51
C ARG D 67 18.32 3.01 -3.11
N PHE D 68 18.85 3.91 -2.29
CA PHE D 68 18.13 5.09 -1.83
C PHE D 68 18.70 6.34 -2.48
N THR D 69 17.85 7.35 -2.64
CA THR D 69 18.28 8.68 -3.10
C THR D 69 17.61 9.74 -2.25
N VAL D 70 18.39 10.75 -1.84
CA VAL D 70 17.86 11.89 -1.11
C VAL D 70 17.95 13.14 -1.97
N SER D 71 16.90 13.97 -1.91
CA SER D 71 16.80 15.20 -2.68
C SER D 71 16.23 16.27 -1.77
N ARG D 72 16.50 17.52 -2.10
CA ARG D 72 15.96 18.66 -1.37
C ARG D 72 15.34 19.68 -2.31
N ASP D 73 14.38 20.43 -1.79
CA ASP D 73 13.68 21.50 -2.49
C ASP D 73 13.72 22.73 -1.59
N ASP D 74 14.74 23.57 -1.77
CA ASP D 74 14.92 24.71 -0.89
C ASP D 74 13.83 25.76 -1.08
N LEU D 75 13.27 25.85 -2.28
CA LEU D 75 12.31 26.90 -2.60
C LEU D 75 10.96 26.67 -1.89
N GLU D 76 10.50 25.42 -1.80
CA GLU D 76 9.27 25.10 -1.10
C GLU D 76 9.49 24.34 0.20
N ASP D 77 10.74 24.11 0.59
CA ASP D 77 11.11 23.50 1.87
C ASP D 77 10.61 22.07 1.99
N PHE D 78 11.05 21.21 1.07
CA PHE D 78 10.79 19.78 1.16
C PHE D 78 12.07 18.98 1.04
N VAL D 79 12.08 17.80 1.65
CA VAL D 79 13.15 16.82 1.50
C VAL D 79 12.50 15.52 1.05
N TYR D 80 13.18 14.78 0.18
CA TYR D 80 12.63 13.53 -0.33
C TYR D 80 13.60 12.39 -0.05
N LEU D 81 13.04 11.20 0.16
CA LEU D 81 13.84 9.99 0.20
C LEU D 81 13.21 8.97 -0.74
N GLN D 82 13.95 8.58 -1.77
CA GLN D 82 13.53 7.51 -2.65
C GLN D 82 14.09 6.19 -2.11
N MET D 83 13.23 5.20 -1.98
CA MET D 83 13.65 3.88 -1.54
C MET D 83 13.28 2.86 -2.61
N HIS D 84 14.29 2.21 -3.18
CA HIS D 84 14.08 1.23 -4.23
C HIS D 84 14.67 -0.10 -3.79
N LYS D 85 14.26 -1.17 -4.46
CA LYS D 85 14.74 -2.52 -4.17
C LYS D 85 14.68 -2.77 -2.67
N MET D 86 13.52 -2.44 -2.10
CA MET D 86 13.36 -2.44 -0.65
C MET D 86 13.51 -3.85 -0.08
N ARG D 87 14.13 -3.93 1.09
CA ARG D 87 14.41 -5.18 1.76
C ARG D 87 13.67 -5.22 3.09
N VAL D 88 13.44 -6.43 3.60
CA VAL D 88 12.71 -6.58 4.86
C VAL D 88 13.38 -5.78 5.97
N GLU D 89 14.71 -5.81 6.03
CA GLU D 89 15.41 -5.07 7.07
C GLU D 89 15.36 -3.55 6.87
N ASP D 90 14.69 -3.06 5.82
CA ASP D 90 14.43 -1.63 5.72
C ASP D 90 13.21 -1.21 6.53
N THR D 91 12.43 -2.19 7.01
CA THR D 91 11.26 -1.95 7.84
C THR D 91 11.66 -1.18 9.10
N ALA D 92 11.07 -0.01 9.31
CA ALA D 92 11.45 0.86 10.42
C ALA D 92 10.56 2.10 10.39
N ILE D 93 10.71 2.93 11.43
CA ILE D 93 10.12 4.26 11.42
C ILE D 93 11.17 5.20 10.86
N TYR D 94 10.79 5.97 9.84
CA TYR D 94 11.69 6.91 9.20
C TYR D 94 11.43 8.33 9.67
N TYR D 95 12.49 9.00 10.12
CA TYR D 95 12.43 10.37 10.57
C TYR D 95 13.27 11.27 9.67
N CYS D 96 12.81 12.50 9.50
CA CYS D 96 13.55 13.55 8.82
C CYS D 96 14.04 14.52 9.88
N ALA D 97 15.36 14.70 9.96
CA ALA D 97 16.01 15.44 11.04
C ALA D 97 16.89 16.53 10.46
N ARG D 98 16.87 17.69 11.12
CA ARG D 98 17.64 18.85 10.71
C ARG D 98 18.94 18.88 11.49
N LYS D 99 20.04 19.13 10.80
CA LYS D 99 21.33 19.40 11.41
C LYS D 99 21.40 20.89 11.71
N GLY D 100 21.62 21.26 12.97
CA GLY D 100 21.53 22.67 13.32
C GLY D 100 21.87 22.92 14.78
N SER D 101 21.95 24.22 15.09
CA SER D 101 22.19 24.67 16.46
C SER D 101 21.84 26.16 16.56
N ASP D 102 21.94 26.68 17.79
CA ASP D 102 21.65 28.09 18.06
C ASP D 102 22.38 29.01 17.09
N ARG D 103 23.68 28.77 16.91
CA ARG D 103 24.43 29.40 15.84
C ARG D 103 25.05 28.28 15.00
N LEU D 104 24.75 28.30 13.70
CA LEU D 104 25.21 27.22 12.84
C LEU D 104 26.73 27.12 12.83
N SER D 105 27.23 25.90 12.73
CA SER D 105 28.65 25.66 12.53
C SER D 105 28.80 24.57 11.48
N ASP D 106 30.04 24.24 11.15
CA ASP D 106 30.33 23.17 10.20
C ASP D 106 29.95 21.78 10.70
N ASN D 107 29.58 21.62 11.98
CA ASN D 107 29.23 20.28 12.47
C ASN D 107 28.35 20.40 13.71
N ASP D 108 27.04 20.36 13.49
CA ASP D 108 26.05 20.50 14.54
C ASP D 108 25.26 19.21 14.72
N PRO D 109 24.63 19.00 15.86
CA PRO D 109 23.84 17.79 16.09
C PRO D 109 22.49 17.93 15.41
N PHE D 110 21.66 16.88 15.53
CA PHE D 110 20.32 16.89 14.95
C PHE D 110 19.38 17.53 15.97
N ASP D 111 19.06 18.81 15.78
CA ASP D 111 18.36 19.58 16.80
C ASP D 111 16.84 19.60 16.62
N ALA D 112 16.33 19.10 15.50
CA ALA D 112 14.88 19.03 15.31
C ALA D 112 14.55 17.80 14.49
N TRP D 113 13.53 17.04 14.92
CA TRP D 113 13.13 15.81 14.26
C TRP D 113 11.64 15.81 13.97
N GLY D 114 11.25 15.09 12.92
CA GLY D 114 9.86 14.86 12.64
C GLY D 114 9.31 13.75 13.52
N PRO D 115 7.98 13.61 13.53
CA PRO D 115 7.39 12.55 14.36
C PRO D 115 7.64 11.14 13.82
N GLY D 116 8.00 11.00 12.55
CA GLY D 116 8.26 9.68 12.03
C GLY D 116 7.11 9.13 11.21
N THR D 117 7.44 8.36 10.18
CA THR D 117 6.44 7.69 9.36
C THR D 117 6.84 6.22 9.26
N VAL D 118 5.85 5.34 9.38
CA VAL D 118 6.10 3.91 9.47
C VAL D 118 6.24 3.31 8.08
N VAL D 119 7.33 2.58 7.85
CA VAL D 119 7.59 1.90 6.59
C VAL D 119 7.77 0.43 6.90
N THR D 120 6.98 -0.43 6.26
CA THR D 120 6.96 -1.86 6.54
C THR D 120 7.15 -2.62 5.24
N VAL D 121 8.22 -3.40 5.14
CA VAL D 121 8.51 -4.23 3.97
C VAL D 121 8.14 -5.69 4.27
N SER D 122 7.15 -6.24 3.52
CA SER D 122 6.78 -7.65 3.67
C SER D 122 7.78 -8.58 3.00
N PRO D 123 8.02 -9.76 3.58
CA PRO D 123 9.03 -10.69 3.02
C PRO D 123 8.71 -11.23 1.64
N ALA D 124 7.45 -11.45 1.31
CA ALA D 124 7.08 -12.02 0.03
C ALA D 124 7.16 -10.99 -1.10
N SER D 125 8.03 -11.24 -2.07
CA SER D 125 8.10 -10.38 -3.25
C SER D 125 7.13 -10.85 -4.31
N THR D 126 6.60 -12.07 -4.15
CA THR D 126 5.82 -12.76 -5.16
C THR D 126 4.73 -13.56 -4.45
N LYS D 127 3.64 -13.80 -5.15
CA LYS D 127 2.60 -14.69 -4.63
C LYS D 127 1.92 -15.45 -5.76
N GLY D 128 1.73 -16.75 -5.56
CA GLY D 128 1.19 -17.59 -6.60
C GLY D 128 -0.33 -17.54 -6.58
N PRO D 129 -0.95 -17.68 -7.74
CA PRO D 129 -2.41 -17.53 -7.83
C PRO D 129 -3.15 -18.73 -7.26
N SER D 130 -4.35 -18.46 -6.74
CA SER D 130 -5.34 -19.51 -6.56
C SER D 130 -6.17 -19.61 -7.83
N VAL D 131 -6.56 -20.82 -8.20
CA VAL D 131 -7.34 -21.07 -9.41
C VAL D 131 -8.62 -21.82 -9.07
N PHE D 132 -9.76 -21.26 -9.50
CA PHE D 132 -11.07 -21.81 -9.23
C PHE D 132 -11.78 -22.07 -10.56
N PRO D 133 -12.55 -23.14 -10.66
CA PRO D 133 -13.23 -23.43 -11.94
C PRO D 133 -14.41 -22.51 -12.19
N LEU D 134 -14.61 -22.21 -13.47
CA LEU D 134 -15.84 -21.59 -13.97
C LEU D 134 -16.65 -22.64 -14.72
N ALA D 135 -17.45 -23.39 -13.97
CA ALA D 135 -18.13 -24.56 -14.50
C ALA D 135 -19.17 -24.13 -15.52
N PRO D 136 -19.34 -24.88 -16.62
CA PRO D 136 -20.41 -24.53 -17.56
C PRO D 136 -21.76 -24.74 -16.91
N SER D 137 -22.69 -23.83 -17.20
CA SER D 137 -24.05 -23.94 -16.73
C SER D 137 -24.77 -25.15 -17.31
N SER D 138 -25.42 -25.89 -16.40
CA SER D 138 -26.16 -27.11 -16.75
C SER D 138 -27.32 -26.83 -17.69
N LYS D 139 -27.87 -25.61 -17.66
CA LYS D 139 -29.04 -25.24 -18.45
C LYS D 139 -28.68 -24.70 -19.83
N SER D 140 -27.60 -25.20 -20.43
CA SER D 140 -27.19 -24.75 -21.75
C SER D 140 -28.23 -25.15 -22.80
N THR D 141 -28.07 -24.56 -24.00
CA THR D 141 -28.91 -24.87 -25.14
C THR D 141 -28.49 -26.20 -25.75
N SER D 142 -29.48 -27.01 -26.12
CA SER D 142 -29.20 -28.29 -26.76
C SER D 142 -28.75 -28.06 -28.20
N GLY D 143 -27.50 -28.39 -28.49
CA GLY D 143 -26.98 -28.23 -29.84
C GLY D 143 -25.62 -27.55 -29.94
N GLY D 144 -25.15 -26.94 -28.87
CA GLY D 144 -23.95 -26.13 -28.91
C GLY D 144 -24.13 -24.81 -28.19
N THR D 145 -23.03 -24.03 -28.17
CA THR D 145 -22.88 -22.78 -27.44
C THR D 145 -22.89 -22.89 -25.91
N ALA D 146 -21.76 -23.27 -25.32
CA ALA D 146 -21.59 -23.31 -23.88
C ALA D 146 -20.31 -22.54 -23.53
N ALA D 147 -20.32 -21.83 -22.41
CA ALA D 147 -19.14 -21.15 -21.91
C ALA D 147 -18.59 -21.76 -20.62
N LEU D 148 -17.26 -21.83 -20.53
CA LEU D 148 -16.58 -22.27 -19.34
C LEU D 148 -15.27 -21.49 -19.23
N GLY D 149 -14.60 -21.62 -18.11
CA GLY D 149 -13.40 -20.82 -17.92
C GLY D 149 -12.69 -21.13 -16.61
N CYS D 150 -11.73 -20.27 -16.28
CA CYS D 150 -10.99 -20.35 -15.03
C CYS D 150 -10.86 -18.96 -14.43
N LEU D 151 -10.97 -18.89 -13.11
CA LEU D 151 -10.76 -17.66 -12.35
C LEU D 151 -9.40 -17.72 -11.66
N VAL D 152 -8.52 -16.78 -12.00
CA VAL D 152 -7.15 -16.75 -11.48
C VAL D 152 -7.04 -15.59 -10.50
N LYS D 153 -6.97 -15.90 -9.20
CA LYS D 153 -7.24 -14.94 -8.14
C LYS D 153 -6.06 -14.84 -7.17
N ASP D 154 -5.80 -13.62 -6.68
CA ASP D 154 -4.88 -13.35 -5.57
C ASP D 154 -3.41 -13.68 -5.90
N TYR D 155 -2.91 -13.15 -7.00
CA TYR D 155 -1.51 -13.31 -7.36
C TYR D 155 -0.83 -11.94 -7.43
N PHE D 156 0.51 -11.95 -7.46
CA PHE D 156 1.31 -10.74 -7.52
C PHE D 156 2.76 -11.10 -7.87
N PRO D 157 3.41 -10.41 -8.81
CA PRO D 157 2.88 -9.31 -9.62
C PRO D 157 2.46 -9.80 -10.99
N GLU D 158 2.08 -8.87 -11.86
CA GLU D 158 1.81 -9.22 -13.25
C GLU D 158 3.09 -9.66 -13.93
N PRO D 159 3.00 -10.53 -14.97
CA PRO D 159 1.77 -11.08 -15.54
C PRO D 159 1.60 -12.58 -15.32
N VAL D 160 0.46 -13.12 -15.76
CA VAL D 160 0.26 -14.55 -15.88
C VAL D 160 -0.22 -14.85 -17.29
N THR D 161 0.18 -16.00 -17.81
CA THR D 161 -0.27 -16.47 -19.11
C THR D 161 -1.23 -17.62 -18.90
N VAL D 162 -2.21 -17.74 -19.79
CA VAL D 162 -3.19 -18.82 -19.74
C VAL D 162 -3.28 -19.47 -21.11
N SER D 163 -3.16 -20.79 -21.13
CA SER D 163 -3.37 -21.58 -22.32
C SER D 163 -4.42 -22.64 -21.97
N TRP D 164 -5.11 -23.14 -22.98
CA TRP D 164 -6.14 -24.16 -22.78
C TRP D 164 -5.73 -25.45 -23.46
N ASN D 165 -5.82 -26.55 -22.71
CA ASN D 165 -5.41 -27.87 -23.16
C ASN D 165 -4.04 -27.80 -23.83
N SER D 166 -3.09 -27.17 -23.11
CA SER D 166 -1.69 -27.06 -23.52
C SER D 166 -1.54 -26.45 -24.91
N GLY D 167 -2.50 -25.63 -25.33
CA GLY D 167 -2.44 -24.95 -26.61
C GLY D 167 -3.32 -25.52 -27.70
N ALA D 168 -3.90 -26.71 -27.48
CA ALA D 168 -4.74 -27.32 -28.50
C ALA D 168 -6.01 -26.52 -28.75
N LEU D 169 -6.54 -25.86 -27.71
CA LEU D 169 -7.78 -25.09 -27.81
C LEU D 169 -7.48 -23.59 -27.82
N THR D 170 -7.64 -22.96 -28.98
CA THR D 170 -7.34 -21.53 -29.15
C THR D 170 -8.54 -20.73 -29.67
N SER D 171 -9.33 -21.30 -30.56
CA SER D 171 -10.50 -20.60 -31.09
C SER D 171 -11.50 -20.31 -29.97
N GLY D 172 -11.95 -19.06 -29.91
CA GLY D 172 -12.99 -18.67 -28.96
C GLY D 172 -12.50 -18.32 -27.57
N VAL D 173 -11.19 -18.34 -27.35
CA VAL D 173 -10.63 -18.07 -26.03
C VAL D 173 -10.48 -16.56 -25.85
N HIS D 174 -10.81 -16.09 -24.64
CA HIS D 174 -10.63 -14.70 -24.23
C HIS D 174 -9.99 -14.70 -22.86
N THR D 175 -8.81 -14.09 -22.74
CA THR D 175 -8.16 -13.95 -21.46
C THR D 175 -8.17 -12.46 -21.13
N PHE D 176 -8.88 -12.10 -20.06
CA PHE D 176 -9.13 -10.69 -19.81
C PHE D 176 -7.96 -9.99 -19.11
N PRO D 177 -7.83 -8.68 -19.31
CA PRO D 177 -6.86 -7.90 -18.55
C PRO D 177 -7.04 -8.14 -17.07
N ALA D 178 -5.94 -8.25 -16.34
CA ALA D 178 -6.07 -8.45 -14.91
C ALA D 178 -6.60 -7.18 -14.26
N VAL D 179 -7.18 -7.35 -13.08
CA VAL D 179 -7.68 -6.22 -12.30
C VAL D 179 -7.02 -6.26 -10.93
N LEU D 180 -6.81 -5.08 -10.37
CA LEU D 180 -6.14 -4.96 -9.09
C LEU D 180 -7.22 -4.81 -8.03
N GLN D 181 -7.21 -5.72 -7.06
CA GLN D 181 -8.18 -5.74 -5.98
C GLN D 181 -7.72 -4.83 -4.84
N SER D 182 -8.67 -4.48 -3.97
CA SER D 182 -8.34 -3.66 -2.81
C SER D 182 -7.32 -4.33 -1.91
N SER D 183 -7.08 -5.62 -2.08
CA SER D 183 -6.07 -6.36 -1.31
C SER D 183 -4.66 -6.16 -1.83
N GLY D 184 -4.49 -5.55 -3.00
CA GLY D 184 -3.17 -5.40 -3.56
C GLY D 184 -2.73 -6.58 -4.39
N LEU D 185 -3.64 -7.50 -4.66
CA LEU D 185 -3.37 -8.67 -5.47
C LEU D 185 -4.20 -8.59 -6.74
N TYR D 186 -3.70 -9.20 -7.80
CA TYR D 186 -4.39 -9.12 -9.08
C TYR D 186 -5.37 -10.27 -9.21
N SER D 187 -6.30 -10.13 -10.16
CA SER D 187 -7.16 -11.24 -10.53
C SER D 187 -7.64 -11.07 -11.96
N LEU D 188 -7.89 -12.19 -12.63
CA LEU D 188 -8.40 -12.18 -13.98
C LEU D 188 -9.16 -13.47 -14.22
N SER D 189 -9.85 -13.50 -15.35
CA SER D 189 -10.56 -14.70 -15.75
C SER D 189 -10.16 -15.01 -17.19
N SER D 190 -10.14 -16.30 -17.52
CA SER D 190 -10.00 -16.75 -18.89
C SER D 190 -11.18 -17.64 -19.19
N VAL D 191 -11.86 -17.38 -20.30
CA VAL D 191 -13.03 -18.15 -20.69
C VAL D 191 -12.91 -18.60 -22.13
N VAL D 192 -13.67 -19.64 -22.46
CA VAL D 192 -13.76 -20.14 -23.83
C VAL D 192 -15.17 -20.65 -24.05
N THR D 193 -15.70 -20.38 -25.24
CA THR D 193 -16.98 -20.95 -25.66
C THR D 193 -16.72 -22.16 -26.54
N VAL D 194 -17.47 -23.22 -26.28
CA VAL D 194 -17.28 -24.51 -26.96
C VAL D 194 -18.66 -25.09 -27.27
N PRO D 195 -18.77 -26.09 -28.14
CA PRO D 195 -20.08 -26.69 -28.39
C PRO D 195 -20.61 -27.37 -27.13
N SER D 196 -21.86 -27.06 -26.78
CA SER D 196 -22.49 -27.70 -25.61
C SER D 196 -22.41 -29.21 -25.71
N SER D 197 -22.44 -29.74 -26.94
CA SER D 197 -22.41 -31.16 -27.22
C SER D 197 -21.08 -31.81 -26.85
N SER D 198 -20.05 -31.01 -26.53
CA SER D 198 -18.71 -31.51 -26.29
C SER D 198 -18.40 -31.76 -24.82
N LEU D 199 -19.16 -31.17 -23.90
CA LEU D 199 -18.96 -31.50 -22.50
C LEU D 199 -19.20 -33.00 -22.36
N GLY D 200 -18.32 -33.69 -21.65
CA GLY D 200 -18.40 -35.13 -21.56
C GLY D 200 -17.56 -35.88 -22.58
N THR D 201 -17.20 -35.26 -23.71
CA THR D 201 -16.28 -35.91 -24.64
C THR D 201 -14.88 -35.31 -24.59
N GLN D 202 -14.76 -33.98 -24.67
CA GLN D 202 -13.47 -33.32 -24.61
C GLN D 202 -13.24 -32.88 -23.17
N THR D 203 -12.07 -33.17 -22.63
CA THR D 203 -11.70 -32.68 -21.32
C THR D 203 -11.14 -31.27 -21.49
N TYR D 204 -11.45 -30.39 -20.53
CA TYR D 204 -10.94 -29.02 -20.62
C TYR D 204 -10.22 -28.63 -19.34
N ILE D 205 -8.95 -28.24 -19.51
CA ILE D 205 -8.05 -27.89 -18.43
C ILE D 205 -7.36 -26.58 -18.83
N CYS D 206 -7.40 -25.59 -17.94
CA CYS D 206 -6.70 -24.33 -18.17
C CYS D 206 -5.32 -24.41 -17.55
N ASN D 207 -4.31 -23.97 -18.31
CA ASN D 207 -2.92 -24.00 -17.88
C ASN D 207 -2.50 -22.59 -17.49
N VAL D 208 -2.25 -22.37 -16.20
CA VAL D 208 -1.89 -21.06 -15.69
C VAL D 208 -0.41 -21.06 -15.33
N ASN D 209 0.33 -20.08 -15.86
CA ASN D 209 1.76 -19.93 -15.62
C ASN D 209 2.00 -18.56 -15.00
N HIS D 210 2.42 -18.53 -13.73
CA HIS D 210 2.90 -17.30 -13.09
C HIS D 210 4.42 -17.27 -12.99
N LYS D 211 5.07 -16.78 -14.06
CA LYS D 211 6.53 -16.80 -14.13
C LYS D 211 7.19 -16.11 -12.94
N PRO D 212 6.78 -14.90 -12.52
CA PRO D 212 7.40 -14.27 -11.34
C PRO D 212 7.52 -15.14 -10.09
N SER D 213 6.60 -16.08 -9.85
CA SER D 213 6.76 -17.03 -8.76
C SER D 213 7.13 -18.41 -9.24
N ASN D 214 7.39 -18.57 -10.54
CA ASN D 214 7.64 -19.85 -11.19
C ASN D 214 6.66 -20.93 -10.73
N THR D 215 5.37 -20.58 -10.74
CA THR D 215 4.30 -21.48 -10.31
C THR D 215 3.42 -21.83 -11.50
N LYS D 216 3.04 -23.11 -11.60
CA LYS D 216 2.14 -23.56 -12.65
C LYS D 216 1.02 -24.41 -12.07
N VAL D 217 -0.19 -24.23 -12.59
CA VAL D 217 -1.37 -24.93 -12.11
C VAL D 217 -2.20 -25.38 -13.30
N ASP D 218 -2.64 -26.64 -13.29
CA ASP D 218 -3.55 -27.17 -14.29
C ASP D 218 -4.87 -27.53 -13.59
N LYS D 219 -5.97 -26.98 -14.08
CA LYS D 219 -7.26 -27.11 -13.42
C LYS D 219 -8.28 -27.68 -14.40
N LYS D 220 -8.82 -28.86 -14.06
CA LYS D 220 -9.86 -29.49 -14.88
C LYS D 220 -11.21 -28.87 -14.54
N VAL D 221 -11.89 -28.34 -15.56
CA VAL D 221 -13.19 -27.69 -15.41
C VAL D 221 -14.29 -28.61 -15.93
N GLU D 222 -15.13 -29.12 -15.03
CA GLU D 222 -16.19 -30.04 -15.40
C GLU D 222 -17.56 -29.51 -14.96
N PRO D 223 -18.62 -29.93 -15.64
CA PRO D 223 -19.98 -29.52 -15.25
C PRO D 223 -20.31 -29.69 -13.78
N LYS D 224 -21.13 -28.76 -13.28
CA LYS D 224 -21.79 -28.81 -11.97
C LYS D 224 -20.83 -28.53 -10.81
C1 BMA E . 33.59 28.89 3.47
C2 BMA E . 32.60 27.72 3.39
C3 BMA E . 32.27 27.24 4.78
C4 BMA E . 33.54 26.97 5.61
C5 BMA E . 34.64 28.04 5.42
C6 BMA E . 36.01 27.53 5.91
O2 BMA E . 33.17 26.58 2.75
O3 BMA E . 31.49 26.04 4.74
O4 BMA E . 33.18 26.90 6.97
O5 BMA E . 34.77 28.44 4.03
O6 BMA E . 35.94 26.11 6.08
C1 MAN E . 30.08 26.35 4.80
C2 MAN E . 29.37 25.11 5.33
C3 MAN E . 29.55 23.96 4.35
C4 MAN E . 29.04 24.37 2.96
C5 MAN E . 29.72 25.67 2.50
C6 MAN E . 29.10 26.24 1.25
O2 MAN E . 27.97 25.35 5.35
O3 MAN E . 28.89 22.76 4.80
O4 MAN E . 29.38 23.35 2.05
O5 MAN E . 29.57 26.70 3.53
O6 MAN E . 29.98 27.23 0.74
C1 MAN E . 27.40 24.89 6.59
C2 MAN E . 25.91 25.20 6.50
C3 MAN E . 25.77 26.71 6.42
C4 MAN E . 26.33 27.34 7.69
C5 MAN E . 27.80 26.97 7.87
C6 MAN E . 28.32 27.34 9.24
O2 MAN E . 25.28 24.82 7.71
O3 MAN E . 24.43 27.11 6.23
O4 MAN E . 26.24 28.75 7.62
O5 MAN E . 27.99 25.52 7.72
O6 MAN E . 29.73 27.08 9.27
C1 MAN E . 24.60 23.55 7.56
C2 MAN E . 23.76 23.40 8.84
C3 MAN E . 24.68 23.18 10.01
C4 MAN E . 25.49 21.91 9.76
C5 MAN E . 26.36 22.12 8.54
C6 MAN E . 27.22 20.92 8.19
O2 MAN E . 22.94 22.24 8.78
O3 MAN E . 23.97 23.11 11.25
O4 MAN E . 26.31 21.61 10.88
O5 MAN E . 25.53 22.44 7.40
O6 MAN E . 26.41 19.98 7.53
C1 MAN E . 37.22 25.64 6.54
C2 MAN E . 37.30 24.11 6.32
C3 MAN E . 36.39 23.35 7.30
C4 MAN E . 36.53 23.85 8.72
C5 MAN E . 36.39 25.37 8.76
C6 MAN E . 36.68 25.92 10.14
O2 MAN E . 38.60 23.59 6.58
O3 MAN E . 36.65 21.94 7.26
O4 MAN E . 35.52 23.27 9.52
O5 MAN E . 37.37 25.95 7.89
O6 MAN E . 37.90 25.34 10.55
C1 MAN E . 38.61 26.25 11.41
C2 MAN E . 40.04 25.69 11.54
C3 MAN E . 39.92 24.33 12.18
C4 MAN E . 39.31 24.50 13.57
C5 MAN E . 37.90 25.13 13.45
C6 MAN E . 37.27 25.47 14.77
O2 MAN E . 40.80 26.47 12.46
O3 MAN E . 41.16 23.65 12.26
O4 MAN E . 39.19 23.25 14.19
O5 MAN E . 37.99 26.37 12.67
O6 MAN E . 35.92 25.89 14.55
C1 MAN E . 41.72 27.34 11.77
C2 MAN E . 42.78 27.77 12.81
C3 MAN E . 42.13 28.65 13.86
C4 MAN E . 41.39 29.82 13.20
C5 MAN E . 40.38 29.30 12.17
C6 MAN E . 39.72 30.40 11.38
O2 MAN E . 43.81 28.58 12.23
O3 MAN E . 43.08 29.12 14.78
O4 MAN E . 40.70 30.57 14.17
O5 MAN E . 41.05 28.45 11.21
O6 MAN E . 40.66 30.92 10.46
C1 MAN E . 35.47 21.16 6.95
C2 MAN E . 35.86 19.66 6.96
C3 MAN E . 36.81 19.34 5.79
C4 MAN E . 36.29 19.89 4.45
C5 MAN E . 35.89 21.37 4.58
C6 MAN E . 35.25 21.98 3.35
O2 MAN E . 34.72 18.84 6.77
O3 MAN E . 37.07 17.94 5.70
O4 MAN E . 37.30 19.78 3.45
O5 MAN E . 34.96 21.53 5.69
O6 MAN E . 36.08 21.66 2.26
#